data_1IPJ
#
_entry.id   1IPJ
#
_cell.length_a   82.78
_cell.length_b   69.47
_cell.length_c   125.33
_cell.angle_alpha   90
_cell.angle_beta   97.22
_cell.angle_gamma   90
#
_symmetry.space_group_name_H-M   'P 1 21 1'
#
loop_
_entity.id
_entity.type
_entity.pdbx_description
1 polymer 'BETA-CONGLYCININ, BETA CHAIN'
2 non-polymer 2-acetamido-2-deoxy-beta-D-glucopyranose
#
_entity_poly.entity_id   1
_entity_poly.type   'polypeptide(L)'
_entity_poly.pdbx_seq_one_letter_code
;LKVREDENNPFYLRSSNSFQTLFENQNGRIRLLQRFNKRSPQLENLRDYRIVQFQSKPNTILLPHHADADFLLFVLSGRA
ILTLVNNDDRDSYNLHPGDAQRIPAGTTYYLVNPHDHQNLKIIKLAIPVNKPGRYDDFFLSSTQAQQSYLQGFSHNILET
SFHSEFEEINRVLLGEEEEQRQQEGVIVELSKEQIRQLSRRAKSSSRKTISSEDEPFNLRSRNPIYSNNFGKFFEITPEK
NPQLRDLDIFLSSVDINEGALLLPHFNSKAIVILVINEGDANIELVGIKEQQQKQKQEEEPLEVQRYRAELSEDDVFVIP
AAYPFVVNATSNLNFLAFGINAENNQRNFLAGEKDNVVRQIERQVQELAFPGSAQDVERLLKKQRESYFVDAQPQQKEEG
SKGRKGPFPSILGALY
;
_entity_poly.pdbx_strand_id   A,B,C
#
# COMPACT_ATOMS: atom_id res chain seq x y z
N ASN A 8 3.85 32.13 5.48
CA ASN A 8 2.76 31.16 5.16
C ASN A 8 3.20 29.74 5.47
N ASN A 9 3.23 29.44 6.75
CA ASN A 9 3.62 28.13 7.27
C ASN A 9 2.76 27.05 6.62
N PRO A 10 3.39 26.17 5.82
CA PRO A 10 2.70 25.08 5.12
C PRO A 10 2.04 24.03 6.01
N PHE A 11 2.42 23.97 7.27
CA PHE A 11 1.85 23.00 8.19
C PHE A 11 0.71 23.55 9.03
N TYR A 12 0.31 24.79 8.74
CA TYR A 12 -0.76 25.44 9.49
C TYR A 12 -2.03 25.61 8.65
N LEU A 13 -3.15 25.10 9.15
CA LEU A 13 -4.43 25.22 8.45
C LEU A 13 -5.40 26.04 9.29
N ARG A 14 -5.35 27.36 9.14
CA ARG A 14 -6.23 28.24 9.90
C ARG A 14 -7.69 28.03 9.53
N SER A 15 -8.50 27.67 10.52
CA SER A 15 -9.93 27.43 10.30
C SER A 15 -10.57 28.56 9.52
N SER A 16 -10.44 29.78 10.04
CA SER A 16 -11.00 30.97 9.41
C SER A 16 -11.02 30.95 7.88
N ASN A 17 -9.91 30.53 7.28
CA ASN A 17 -9.82 30.49 5.83
C ASN A 17 -9.47 29.10 5.32
N SER A 18 -9.82 28.06 6.05
CA SER A 18 -9.49 26.71 5.64
C SER A 18 -10.64 25.70 5.48
N PHE A 19 -11.82 26.04 6.00
CA PHE A 19 -12.95 25.12 5.90
C PHE A 19 -13.96 25.53 4.83
N GLN A 20 -14.66 24.54 4.30
CA GLN A 20 -15.67 24.77 3.28
C GLN A 20 -16.98 24.08 3.68
N THR A 21 -18.01 24.89 3.91
CA THR A 21 -19.32 24.40 4.32
C THR A 21 -19.98 23.44 3.33
N LEU A 22 -20.49 22.33 3.84
CA LEU A 22 -21.14 21.32 3.02
C LEU A 22 -22.66 21.52 3.02
N PHE A 23 -23.22 21.61 4.21
CA PHE A 23 -24.65 21.83 4.40
C PHE A 23 -24.71 22.70 5.64
N GLU A 24 -25.82 23.42 5.84
CA GLU A 24 -25.90 24.28 7.01
C GLU A 24 -27.22 25.05 7.10
N ASN A 25 -27.74 25.15 8.32
CA ASN A 25 -29.00 25.87 8.54
C ASN A 25 -29.13 26.33 9.98
N GLN A 26 -30.37 26.38 10.45
CA GLN A 26 -30.67 26.81 11.82
C GLN A 26 -30.23 25.77 12.84
N ASN A 27 -30.38 24.49 12.48
CA ASN A 27 -30.04 23.40 13.39
C ASN A 27 -28.58 22.96 13.46
N GLY A 28 -27.76 23.41 12.51
CA GLY A 28 -26.36 23.04 12.52
C GLY A 28 -25.71 23.17 11.17
N ARG A 29 -24.41 22.88 11.10
CA ARG A 29 -23.65 22.95 9.85
C ARG A 29 -22.55 21.88 9.80
N ILE A 30 -22.19 21.48 8.59
CA ILE A 30 -21.15 20.49 8.37
C ILE A 30 -20.05 21.14 7.53
N ARG A 31 -18.84 21.23 8.09
CA ARG A 31 -17.73 21.85 7.38
C ARG A 31 -16.63 20.86 7.02
N LEU A 32 -16.06 21.03 5.84
CA LEU A 32 -14.99 20.14 5.36
C LEU A 32 -13.69 20.92 5.13
N LEU A 33 -12.63 20.58 5.88
CA LEU A 33 -11.34 21.26 5.74
C LEU A 33 -10.77 20.95 4.38
N GLN A 34 -10.10 21.93 3.77
CA GLN A 34 -9.52 21.76 2.45
C GLN A 34 -8.50 20.64 2.37
N ARG A 35 -8.25 20.13 1.17
CA ARG A 35 -7.31 19.05 0.96
C ARG A 35 -5.94 19.33 1.56
N PHE A 36 -5.40 18.34 2.26
CA PHE A 36 -4.10 18.49 2.92
C PHE A 36 -2.97 18.77 1.94
N ASN A 37 -3.04 18.17 0.75
CA ASN A 37 -2.00 18.37 -0.25
C ASN A 37 -2.27 19.58 -1.15
N LYS A 38 -3.53 19.98 -1.22
CA LYS A 38 -3.91 21.14 -2.02
C LYS A 38 -3.30 22.34 -1.32
N ARG A 39 -2.99 22.16 -0.04
CA ARG A 39 -2.39 23.20 0.76
C ARG A 39 -0.90 23.28 0.41
N SER A 40 -0.16 22.23 0.72
CA SER A 40 1.27 22.18 0.42
C SER A 40 1.70 20.78 0.00
N PRO A 41 2.38 20.65 -1.15
CA PRO A 41 2.84 19.36 -1.66
C PRO A 41 3.60 18.54 -0.64
N GLN A 42 4.15 19.22 0.36
CA GLN A 42 4.91 18.55 1.42
C GLN A 42 4.04 17.47 2.08
N LEU A 43 2.73 17.70 2.08
CA LEU A 43 1.79 16.78 2.69
C LEU A 43 1.23 15.77 1.69
N GLU A 44 1.98 15.52 0.63
CA GLU A 44 1.58 14.58 -0.40
C GLU A 44 1.16 13.23 0.20
N ASN A 45 1.80 12.86 1.31
CA ASN A 45 1.52 11.59 1.97
C ASN A 45 0.24 11.60 2.81
N LEU A 46 -0.42 12.74 2.85
CA LEU A 46 -1.66 12.92 3.61
C LEU A 46 -2.82 13.20 2.65
N ARG A 47 -2.58 12.95 1.37
CA ARG A 47 -3.59 13.20 0.33
C ARG A 47 -4.92 12.46 0.51
N ASP A 48 -4.85 11.22 0.99
CA ASP A 48 -6.03 10.37 1.18
C ASP A 48 -6.98 10.73 2.30
N TYR A 49 -6.52 11.51 3.27
CA TYR A 49 -7.35 11.86 4.42
C TYR A 49 -8.06 13.21 4.34
N ARG A 50 -9.21 13.27 5.02
CA ARG A 50 -10.02 14.47 5.11
C ARG A 50 -10.53 14.64 6.54
N ILE A 51 -10.61 15.89 7.01
CA ILE A 51 -11.05 16.18 8.36
C ILE A 51 -12.39 16.92 8.33
N VAL A 52 -13.48 16.22 8.63
CA VAL A 52 -14.82 16.80 8.63
C VAL A 52 -15.23 17.32 10.00
N GLN A 53 -16.03 18.38 10.03
CA GLN A 53 -16.48 18.94 11.29
C GLN A 53 -18.00 19.02 11.36
N PHE A 54 -18.58 18.25 12.28
CA PHE A 54 -20.03 18.23 12.45
C PHE A 54 -20.49 18.99 13.67
N GLN A 55 -21.52 19.82 13.48
CA GLN A 55 -22.06 20.62 14.57
C GLN A 55 -23.57 20.77 14.43
N SER A 56 -24.30 20.41 15.48
CA SER A 56 -25.75 20.51 15.48
C SER A 56 -26.23 20.98 16.85
N LYS A 57 -27.42 21.60 16.88
CA LYS A 57 -27.98 22.11 18.12
C LYS A 57 -28.88 21.07 18.80
N PRO A 58 -29.25 21.32 20.06
CA PRO A 58 -30.11 20.41 20.84
C PRO A 58 -31.39 19.95 20.13
N ASN A 59 -31.75 18.70 20.38
CA ASN A 59 -32.95 18.09 19.80
C ASN A 59 -33.02 18.18 18.27
N THR A 60 -32.13 17.47 17.60
CA THR A 60 -32.08 17.46 16.14
C THR A 60 -31.61 16.11 15.61
N ILE A 61 -31.73 15.90 14.30
CA ILE A 61 -31.30 14.64 13.71
C ILE A 61 -30.74 14.81 12.30
N LEU A 62 -29.70 14.06 12.00
CA LEU A 62 -29.06 14.07 10.69
C LEU A 62 -29.71 12.96 9.90
N LEU A 63 -30.60 13.31 8.97
CA LEU A 63 -31.30 12.33 8.15
C LEU A 63 -30.43 11.15 7.68
N PRO A 64 -31.04 9.96 7.58
CA PRO A 64 -30.30 8.77 7.13
C PRO A 64 -29.52 9.06 5.86
N HIS A 65 -28.25 8.65 5.85
CA HIS A 65 -27.39 8.87 4.70
C HIS A 65 -26.13 8.00 4.80
N HIS A 66 -25.51 7.74 3.65
CA HIS A 66 -24.29 6.96 3.63
C HIS A 66 -23.26 7.65 2.76
N ALA A 67 -21.98 7.29 2.93
CA ALA A 67 -20.91 7.91 2.15
C ALA A 67 -19.92 6.88 1.66
N ASP A 68 -19.10 7.25 0.68
CA ASP A 68 -18.11 6.33 0.16
C ASP A 68 -16.74 6.69 0.75
N ALA A 69 -16.60 6.42 2.05
CA ALA A 69 -15.36 6.69 2.79
C ALA A 69 -15.55 6.27 4.23
N ASP A 70 -14.55 5.58 4.78
CA ASP A 70 -14.60 5.14 6.18
C ASP A 70 -14.60 6.39 7.07
N PHE A 71 -15.16 6.26 8.26
CA PHE A 71 -15.20 7.40 9.18
C PHE A 71 -14.67 6.98 10.52
N LEU A 72 -13.90 7.85 11.15
CA LEU A 72 -13.39 7.60 12.49
C LEU A 72 -13.84 8.83 13.26
N LEU A 73 -15.01 8.78 13.87
CA LEU A 73 -15.48 9.95 14.59
C LEU A 73 -15.07 9.99 16.04
N PHE A 74 -14.92 11.21 16.55
CA PHE A 74 -14.51 11.43 17.93
C PHE A 74 -15.36 12.55 18.56
N VAL A 75 -16.33 12.17 19.37
CA VAL A 75 -17.20 13.12 20.03
C VAL A 75 -16.36 14.06 20.91
N LEU A 76 -16.30 15.32 20.52
CA LEU A 76 -15.51 16.31 21.25
C LEU A 76 -16.26 16.81 22.47
N SER A 77 -17.59 16.85 22.37
CA SER A 77 -18.40 17.30 23.49
C SER A 77 -19.90 17.13 23.24
N GLY A 78 -20.66 17.08 24.33
CA GLY A 78 -22.09 16.88 24.22
C GLY A 78 -22.35 15.40 24.13
N ARG A 79 -23.62 15.01 24.13
CA ARG A 79 -23.97 13.60 24.03
C ARG A 79 -24.57 13.33 22.66
N ALA A 80 -24.79 12.08 22.33
CA ALA A 80 -25.37 11.76 21.03
C ALA A 80 -25.75 10.29 20.89
N ILE A 81 -26.67 10.00 19.96
CA ILE A 81 -27.11 8.64 19.70
C ILE A 81 -26.79 8.34 18.25
N LEU A 82 -25.77 7.53 18.03
CA LEU A 82 -25.37 7.15 16.69
C LEU A 82 -26.09 5.86 16.35
N THR A 83 -26.63 5.78 15.14
CA THR A 83 -27.34 4.58 14.73
C THR A 83 -26.93 4.16 13.33
N LEU A 84 -26.23 3.04 13.26
CA LEU A 84 -25.78 2.48 11.99
C LEU A 84 -26.83 1.45 11.62
N VAL A 85 -27.37 1.53 10.42
CA VAL A 85 -28.39 0.59 10.01
C VAL A 85 -27.86 -0.37 8.94
N ASN A 86 -27.98 -1.66 9.22
CA ASN A 86 -27.52 -2.68 8.29
C ASN A 86 -28.69 -3.17 7.46
N ASN A 87 -28.42 -4.03 6.47
CA ASN A 87 -29.47 -4.54 5.60
C ASN A 87 -30.35 -5.58 6.26
N ASP A 88 -29.96 -6.05 7.45
CA ASP A 88 -30.75 -7.05 8.16
C ASP A 88 -30.71 -6.80 9.66
N ASP A 89 -30.15 -5.66 10.03
CA ASP A 89 -30.02 -5.29 11.42
C ASP A 89 -29.90 -3.77 11.55
N ARG A 90 -29.76 -3.30 12.78
CA ARG A 90 -29.60 -1.89 13.09
C ARG A 90 -29.23 -1.81 14.55
N ASP A 91 -28.20 -1.04 14.87
CA ASP A 91 -27.78 -0.91 16.25
C ASP A 91 -27.57 0.54 16.65
N SER A 92 -27.80 0.84 17.92
CA SER A 92 -27.62 2.19 18.40
C SER A 92 -26.54 2.24 19.46
N TYR A 93 -25.95 3.41 19.63
CA TYR A 93 -24.91 3.60 20.63
C TYR A 93 -25.12 4.97 21.24
N ASN A 94 -24.57 5.16 22.44
CA ASN A 94 -24.72 6.44 23.12
C ASN A 94 -23.37 7.09 23.30
N LEU A 95 -23.03 7.98 22.38
CA LEU A 95 -21.75 8.67 22.41
C LEU A 95 -21.64 9.80 23.44
N HIS A 96 -20.62 9.71 24.29
CA HIS A 96 -20.35 10.72 25.31
C HIS A 96 -19.07 11.42 24.88
N PRO A 97 -18.74 12.57 25.49
CA PRO A 97 -17.51 13.25 25.08
C PRO A 97 -16.30 12.36 25.33
N GLY A 98 -15.40 12.28 24.35
CA GLY A 98 -14.23 11.44 24.50
C GLY A 98 -14.36 10.13 23.75
N ASP A 99 -15.59 9.76 23.40
CA ASP A 99 -15.84 8.52 22.68
C ASP A 99 -15.41 8.62 21.24
N ALA A 100 -15.07 7.49 20.66
CA ALA A 100 -14.66 7.43 19.27
C ALA A 100 -15.26 6.16 18.72
N GLN A 101 -15.37 6.07 17.41
CA GLN A 101 -15.92 4.87 16.79
C GLN A 101 -15.68 4.99 15.32
N ARG A 102 -15.81 3.88 14.62
CA ARG A 102 -15.59 3.88 13.19
C ARG A 102 -16.84 3.52 12.42
N ILE A 103 -17.04 4.19 11.30
CA ILE A 103 -18.20 3.91 10.50
C ILE A 103 -17.76 3.41 9.14
N PRO A 104 -17.73 2.09 8.98
CA PRO A 104 -17.35 1.43 7.73
C PRO A 104 -17.92 2.05 6.49
N ALA A 105 -17.12 2.12 5.44
CA ALA A 105 -17.53 2.71 4.17
C ALA A 105 -18.80 2.08 3.64
N GLY A 106 -19.78 2.91 3.28
CA GLY A 106 -21.04 2.40 2.75
C GLY A 106 -22.09 2.10 3.79
N THR A 107 -21.88 2.55 5.03
CA THR A 107 -22.82 2.30 6.12
C THR A 107 -23.85 3.40 6.33
N THR A 108 -25.12 3.10 6.06
CA THR A 108 -26.22 4.06 6.24
C THR A 108 -26.34 4.34 7.74
N TYR A 109 -26.60 5.60 8.10
CA TYR A 109 -26.71 5.94 9.53
C TYR A 109 -27.28 7.35 9.78
N TYR A 110 -27.86 7.53 10.96
CA TYR A 110 -28.39 8.83 11.36
C TYR A 110 -27.87 9.13 12.76
N LEU A 111 -27.85 10.42 13.13
CA LEU A 111 -27.33 10.85 14.42
C LEU A 111 -28.33 11.71 15.16
N VAL A 112 -28.52 11.45 16.45
CA VAL A 112 -29.46 12.24 17.23
C VAL A 112 -28.76 12.85 18.44
N ASN A 113 -29.09 14.10 18.73
CA ASN A 113 -28.53 14.80 19.87
C ASN A 113 -29.68 14.97 20.85
N PRO A 114 -29.81 14.02 21.80
CA PRO A 114 -30.87 14.02 22.82
C PRO A 114 -30.81 15.08 23.90
N HIS A 115 -29.71 15.83 23.98
CA HIS A 115 -29.59 16.87 25.00
C HIS A 115 -30.51 18.06 24.81
N ASP A 116 -30.79 18.76 25.91
CA ASP A 116 -31.68 19.91 25.92
C ASP A 116 -31.02 21.26 25.75
N HIS A 117 -29.85 21.44 26.36
CA HIS A 117 -29.13 22.70 26.27
C HIS A 117 -27.68 22.62 25.79
N GLN A 118 -27.18 21.40 25.58
CA GLN A 118 -25.80 21.21 25.12
C GLN A 118 -25.70 20.94 23.62
N ASN A 119 -24.80 21.65 22.96
CA ASN A 119 -24.59 21.47 21.53
C ASN A 119 -23.68 20.25 21.32
N LEU A 120 -23.84 19.59 20.19
CA LEU A 120 -23.03 18.42 19.87
C LEU A 120 -21.93 18.81 18.91
N LYS A 121 -20.68 18.48 19.24
CA LYS A 121 -19.57 18.80 18.37
C LYS A 121 -18.77 17.53 18.07
N ILE A 122 -18.85 17.10 16.81
CA ILE A 122 -18.17 15.88 16.40
C ILE A 122 -17.10 16.16 15.36
N ILE A 123 -16.01 15.40 15.42
CA ILE A 123 -14.92 15.53 14.45
C ILE A 123 -14.61 14.12 13.93
N LYS A 124 -14.47 14.00 12.61
CA LYS A 124 -14.21 12.69 12.03
C LYS A 124 -13.23 12.73 10.87
N LEU A 125 -12.30 11.78 10.87
CA LEU A 125 -11.28 11.65 9.84
C LEU A 125 -11.85 10.79 8.70
N ALA A 126 -12.02 11.35 7.52
CA ALA A 126 -12.57 10.59 6.41
C ALA A 126 -11.50 9.93 5.53
N ILE A 127 -11.74 8.69 5.16
CA ILE A 127 -10.83 7.92 4.31
C ILE A 127 -11.60 7.36 3.10
N PRO A 128 -11.75 8.20 2.05
CA PRO A 128 -12.46 7.85 0.81
C PRO A 128 -11.97 6.57 0.13
N VAL A 129 -12.89 5.86 -0.48
CA VAL A 129 -12.61 4.59 -1.16
C VAL A 129 -12.45 4.68 -2.67
N ASN A 130 -13.18 5.59 -3.30
CA ASN A 130 -13.11 5.73 -4.75
C ASN A 130 -12.01 6.64 -5.27
N LYS A 131 -12.19 7.95 -5.16
CA LYS A 131 -11.18 8.91 -5.64
C LYS A 131 -10.40 9.40 -4.43
N PRO A 132 -9.07 9.35 -4.50
CA PRO A 132 -8.23 9.80 -3.39
C PRO A 132 -8.58 11.15 -2.76
N GLY A 133 -8.84 11.13 -1.46
CA GLY A 133 -9.16 12.34 -0.72
C GLY A 133 -10.46 13.05 -1.02
N ARG A 134 -11.20 12.59 -2.03
CA ARG A 134 -12.45 13.24 -2.38
C ARG A 134 -13.63 12.25 -2.28
N TYR A 135 -14.53 12.49 -1.33
CA TYR A 135 -15.69 11.61 -1.15
C TYR A 135 -17.01 12.38 -1.24
N ASP A 136 -18.13 11.67 -1.14
CA ASP A 136 -19.45 12.29 -1.22
C ASP A 136 -20.40 11.71 -0.18
N ASP A 137 -21.55 12.35 -0.02
CA ASP A 137 -22.57 11.91 0.90
C ASP A 137 -23.75 11.49 0.05
N PHE A 138 -24.47 10.47 0.48
CA PHE A 138 -25.61 9.98 -0.25
C PHE A 138 -26.79 9.99 0.69
N PHE A 139 -27.63 11.02 0.56
CA PHE A 139 -28.79 11.18 1.41
C PHE A 139 -30.02 10.46 0.88
N LEU A 140 -30.56 9.56 1.70
CA LEU A 140 -31.74 8.77 1.36
C LEU A 140 -32.98 9.64 1.54
N SER A 141 -32.92 10.52 2.54
CA SER A 141 -34.02 11.44 2.83
C SER A 141 -34.33 12.30 1.62
N SER A 142 -35.56 12.78 1.54
CA SER A 142 -35.96 13.67 0.45
C SER A 142 -36.19 15.00 1.13
N THR A 143 -35.25 15.92 0.94
CA THR A 143 -35.31 17.24 1.57
C THR A 143 -35.26 18.36 0.53
N GLN A 144 -35.55 19.59 0.97
CA GLN A 144 -35.51 20.74 0.08
C GLN A 144 -34.07 21.17 -0.19
N ALA A 145 -33.12 20.58 0.54
CA ALA A 145 -31.71 20.92 0.38
C ALA A 145 -30.95 19.90 -0.44
N GLN A 146 -31.54 18.73 -0.63
CA GLN A 146 -30.88 17.69 -1.41
C GLN A 146 -31.91 16.72 -1.97
N GLN A 147 -31.55 16.03 -3.05
CA GLN A 147 -32.44 15.05 -3.67
C GLN A 147 -32.04 13.67 -3.17
N SER A 148 -33.03 12.83 -2.87
CA SER A 148 -32.75 11.47 -2.42
C SER A 148 -32.17 10.74 -3.61
N TYR A 149 -31.21 9.84 -3.38
CA TYR A 149 -30.60 9.13 -4.49
C TYR A 149 -31.59 8.23 -5.23
N LEU A 150 -32.83 8.15 -4.76
CA LEU A 150 -33.84 7.32 -5.42
C LEU A 150 -34.33 8.04 -6.67
N GLN A 151 -34.28 9.37 -6.62
CA GLN A 151 -34.70 10.22 -7.70
C GLN A 151 -33.82 10.04 -8.93
N GLY A 152 -32.71 9.34 -8.78
CA GLY A 152 -31.83 9.15 -9.91
C GLY A 152 -32.36 8.09 -10.85
N PHE A 153 -33.25 7.25 -10.35
CA PHE A 153 -33.83 6.18 -11.15
C PHE A 153 -34.96 6.57 -12.07
N SER A 154 -35.02 5.90 -13.22
CA SER A 154 -36.05 6.14 -14.23
C SER A 154 -37.39 5.69 -13.70
N HIS A 155 -38.41 6.52 -13.94
CA HIS A 155 -39.76 6.24 -13.49
C HIS A 155 -40.12 4.78 -13.72
N ASN A 156 -39.94 4.32 -14.95
CA ASN A 156 -40.25 2.95 -15.34
C ASN A 156 -39.64 1.91 -14.43
N ILE A 157 -38.46 2.18 -13.91
CA ILE A 157 -37.78 1.22 -13.06
C ILE A 157 -38.30 1.25 -11.62
N LEU A 158 -38.63 2.43 -11.13
CA LEU A 158 -39.13 2.57 -9.77
C LEU A 158 -40.49 1.90 -9.55
N GLU A 159 -41.34 1.92 -10.58
CA GLU A 159 -42.65 1.28 -10.48
C GLU A 159 -42.42 -0.22 -10.40
N THR A 160 -41.49 -0.71 -11.23
CA THR A 160 -41.14 -2.12 -11.27
C THR A 160 -40.52 -2.54 -9.95
N SER A 161 -39.60 -1.71 -9.45
CA SER A 161 -38.91 -1.99 -8.20
C SER A 161 -39.79 -2.07 -6.96
N PHE A 162 -40.49 -0.97 -6.68
CA PHE A 162 -41.34 -0.85 -5.49
C PHE A 162 -42.72 -1.52 -5.53
N HIS A 163 -43.31 -1.60 -6.72
CA HIS A 163 -44.63 -2.22 -6.89
C HIS A 163 -45.82 -1.27 -6.63
N SER A 164 -45.82 -0.16 -7.36
CA SER A 164 -46.89 0.84 -7.25
C SER A 164 -46.74 1.81 -8.42
N GLU A 165 -47.84 2.40 -8.87
CA GLU A 165 -47.74 3.35 -9.96
C GLU A 165 -46.82 4.44 -9.43
N PHE A 166 -46.14 5.14 -10.31
CA PHE A 166 -45.21 6.17 -9.88
C PHE A 166 -45.78 7.15 -8.86
N GLU A 167 -46.86 7.82 -9.24
CA GLU A 167 -47.48 8.81 -8.36
C GLU A 167 -47.57 8.37 -6.90
N GLU A 168 -47.54 7.07 -6.65
CA GLU A 168 -47.61 6.56 -5.27
C GLU A 168 -46.29 6.77 -4.55
N ILE A 169 -45.21 6.28 -5.16
CA ILE A 169 -43.87 6.40 -4.59
C ILE A 169 -43.45 7.86 -4.61
N ASN A 170 -43.98 8.58 -5.59
CA ASN A 170 -43.68 10.00 -5.79
C ASN A 170 -44.32 10.86 -4.70
N ARG A 171 -45.42 10.38 -4.15
CA ARG A 171 -46.12 11.12 -3.12
C ARG A 171 -45.61 10.77 -1.73
N VAL A 172 -45.17 9.51 -1.56
CA VAL A 172 -44.71 9.05 -0.26
C VAL A 172 -43.19 8.95 -0.03
N LEU A 173 -42.41 9.01 -1.11
CA LEU A 173 -40.97 8.89 -0.96
C LEU A 173 -40.13 10.06 -1.52
N LEU A 174 -40.41 10.45 -2.76
CA LEU A 174 -39.63 11.50 -3.39
C LEU A 174 -40.13 12.93 -3.22
N GLY A 175 -41.43 13.12 -3.33
CA GLY A 175 -41.99 14.46 -3.22
C GLY A 175 -42.10 15.05 -4.61
N GLN A 182 -42.17 18.19 2.70
CA GLN A 182 -40.67 18.03 2.71
C GLN A 182 -40.06 18.90 3.80
N GLN A 183 -38.79 18.67 4.10
CA GLN A 183 -38.10 19.45 5.13
C GLN A 183 -37.01 20.30 4.50
N GLU A 184 -36.60 21.36 5.20
CA GLU A 184 -35.55 22.24 4.70
C GLU A 184 -34.20 21.96 5.38
N GLY A 185 -33.38 21.13 4.73
CA GLY A 185 -32.08 20.81 5.29
C GLY A 185 -31.97 19.39 5.82
N VAL A 186 -30.76 18.86 5.82
CA VAL A 186 -30.53 17.50 6.30
C VAL A 186 -30.64 17.41 7.82
N ILE A 187 -30.33 18.51 8.51
CA ILE A 187 -30.44 18.52 9.96
C ILE A 187 -31.79 19.11 10.30
N VAL A 188 -32.62 18.33 10.95
CA VAL A 188 -33.97 18.77 11.31
C VAL A 188 -34.20 18.70 12.82
N GLU A 189 -35.09 19.55 13.31
CA GLU A 189 -35.41 19.62 14.74
C GLU A 189 -36.48 18.63 15.15
N LEU A 190 -36.43 18.18 16.41
CA LEU A 190 -37.40 17.23 16.93
C LEU A 190 -38.22 17.82 18.09
N SER A 191 -38.96 16.96 18.78
CA SER A 191 -39.80 17.40 19.90
C SER A 191 -39.43 16.72 21.22
N ALA A 202 -29.24 1.19 22.45
CA ALA A 202 -28.31 2.25 22.94
C ALA A 202 -27.23 1.71 23.86
N LYS A 203 -26.13 1.24 23.27
CA LYS A 203 -25.00 0.72 24.04
C LYS A 203 -24.12 1.92 24.39
N SER A 204 -23.28 1.77 25.42
CA SER A 204 -22.41 2.87 25.82
C SER A 204 -20.98 2.43 26.04
N SER A 205 -20.08 3.41 26.06
CA SER A 205 -18.66 3.16 26.26
C SER A 205 -18.34 2.93 27.74
N SER A 206 -17.85 1.74 28.04
CA SER A 206 -17.49 1.36 29.41
C SER A 206 -15.97 1.39 29.52
N ARG A 207 -15.43 0.79 30.57
CA ARG A 207 -13.99 0.76 30.77
C ARG A 207 -13.40 -0.55 30.24
N LYS A 208 -14.26 -1.40 29.71
CA LYS A 208 -13.85 -2.67 29.15
C LYS A 208 -14.36 -2.74 27.71
N THR A 209 -14.72 -1.58 27.17
CA THR A 209 -15.23 -1.48 25.82
C THR A 209 -14.04 -1.16 24.91
N ILE A 210 -12.99 -0.66 25.53
CA ILE A 210 -11.78 -0.23 24.84
C ILE A 210 -11.18 -1.15 23.78
N SER A 211 -11.47 -2.44 23.84
CA SER A 211 -10.92 -3.36 22.84
C SER A 211 -12.00 -3.94 21.95
N SER A 212 -13.21 -3.40 22.07
CA SER A 212 -14.35 -3.86 21.29
C SER A 212 -14.14 -3.63 19.80
N GLU A 213 -14.40 -4.68 19.02
CA GLU A 213 -14.25 -4.66 17.58
C GLU A 213 -15.40 -3.93 16.89
N ASP A 214 -16.43 -3.61 17.66
CA ASP A 214 -17.61 -2.96 17.10
C ASP A 214 -18.19 -1.78 17.87
N GLU A 215 -18.10 -1.80 19.21
CA GLU A 215 -18.64 -0.68 20.00
C GLU A 215 -17.64 0.45 20.13
N PRO A 216 -18.12 1.66 20.44
CA PRO A 216 -17.20 2.80 20.57
C PRO A 216 -16.40 2.66 21.85
N PHE A 217 -15.20 3.21 21.87
CA PHE A 217 -14.33 3.14 23.05
C PHE A 217 -14.11 4.55 23.62
N ASN A 218 -13.54 4.67 24.82
CA ASN A 218 -13.32 6.00 25.37
C ASN A 218 -11.89 6.31 25.82
N LEU A 219 -11.34 7.33 25.18
CA LEU A 219 -9.99 7.82 25.41
C LEU A 219 -9.62 8.14 26.86
N ARG A 220 -10.55 8.74 27.59
CA ARG A 220 -10.27 9.10 28.97
C ARG A 220 -10.75 8.09 30.01
N SER A 221 -11.28 6.95 29.57
CA SER A 221 -11.74 5.94 30.51
C SER A 221 -10.53 5.23 31.13
N ARG A 222 -9.40 5.32 30.44
CA ARG A 222 -8.15 4.72 30.88
C ARG A 222 -7.27 5.81 31.48
N ASN A 223 -6.19 5.42 32.14
CA ASN A 223 -5.26 6.38 32.75
C ASN A 223 -4.49 7.16 31.70
N PRO A 224 -4.12 8.42 32.01
CA PRO A 224 -3.35 9.15 31.00
C PRO A 224 -1.97 8.51 31.00
N ILE A 225 -1.10 8.89 30.08
CA ILE A 225 0.25 8.32 30.08
C ILE A 225 1.24 9.30 30.71
N TYR A 226 1.22 10.54 30.24
CA TYR A 226 2.07 11.59 30.78
C TYR A 226 1.08 12.46 31.55
N SER A 227 1.21 12.55 32.87
CA SER A 227 0.29 13.38 33.62
C SER A 227 0.84 13.94 34.90
N ASN A 228 1.03 15.25 34.93
CA ASN A 228 1.52 15.92 36.12
C ASN A 228 0.66 17.15 36.35
N ASN A 229 0.88 17.85 37.46
CA ASN A 229 0.10 19.04 37.81
C ASN A 229 -0.05 20.10 36.73
N PHE A 230 0.56 19.88 35.57
CA PHE A 230 0.49 20.84 34.47
C PHE A 230 -0.18 20.32 33.20
N GLY A 231 -0.62 19.07 33.23
CA GLY A 231 -1.28 18.52 32.06
C GLY A 231 -1.50 17.02 32.10
N LYS A 232 -2.36 16.55 31.21
CA LYS A 232 -2.68 15.13 31.11
C LYS A 232 -2.59 14.68 29.65
N PHE A 233 -1.99 13.52 29.43
CA PHE A 233 -1.82 12.98 28.08
C PHE A 233 -2.49 11.63 27.90
N PHE A 234 -3.58 11.59 27.14
CA PHE A 234 -4.27 10.33 26.91
C PHE A 234 -4.01 9.86 25.46
N GLU A 235 -3.74 8.56 25.28
CA GLU A 235 -3.45 8.02 23.95
C GLU A 235 -3.84 6.53 23.83
N ILE A 236 -4.53 6.18 22.76
CA ILE A 236 -4.92 4.78 22.54
C ILE A 236 -4.29 4.37 21.23
N THR A 237 -3.64 3.21 21.22
CA THR A 237 -2.95 2.71 20.02
C THR A 237 -3.58 1.50 19.35
N PRO A 238 -3.21 1.25 18.07
CA PRO A 238 -3.75 0.13 17.30
C PRO A 238 -3.37 -1.17 17.97
N GLU A 239 -2.51 -1.06 18.97
CA GLU A 239 -2.07 -2.22 19.71
C GLU A 239 -3.20 -2.71 20.61
N LYS A 240 -3.93 -1.79 21.24
CA LYS A 240 -5.03 -2.18 22.14
C LYS A 240 -6.43 -2.19 21.55
N ASN A 241 -6.69 -1.38 20.54
CA ASN A 241 -8.03 -1.36 19.95
C ASN A 241 -8.15 -1.84 18.50
N PRO A 242 -8.88 -2.94 18.29
CA PRO A 242 -9.11 -3.53 16.98
C PRO A 242 -9.53 -2.54 15.89
N GLN A 243 -10.33 -1.56 16.25
CA GLN A 243 -10.78 -0.58 15.26
C GLN A 243 -9.64 0.26 14.72
N LEU A 244 -8.76 0.70 15.62
CA LEU A 244 -7.62 1.52 15.22
C LEU A 244 -6.59 0.74 14.44
N ARG A 245 -6.32 -0.49 14.89
CA ARG A 245 -5.34 -1.32 14.20
C ARG A 245 -5.73 -1.50 12.74
N ASP A 246 -7.03 -1.50 12.47
CA ASP A 246 -7.52 -1.69 11.11
C ASP A 246 -7.22 -0.47 10.26
N LEU A 247 -7.13 0.68 10.91
CA LEU A 247 -6.85 1.93 10.20
C LEU A 247 -5.40 2.30 10.45
N ASP A 248 -4.79 1.61 11.40
CA ASP A 248 -3.40 1.86 11.80
C ASP A 248 -3.28 3.32 12.23
N ILE A 249 -4.19 3.72 13.11
CA ILE A 249 -4.23 5.08 13.60
C ILE A 249 -4.17 5.08 15.12
N PHE A 250 -3.58 6.12 15.69
CA PHE A 250 -3.51 6.25 17.15
C PHE A 250 -4.20 7.54 17.55
N LEU A 251 -4.94 7.52 18.65
CA LEU A 251 -5.63 8.71 19.11
C LEU A 251 -4.97 9.26 20.35
N SER A 252 -5.16 10.55 20.59
CA SER A 252 -4.59 11.17 21.76
C SER A 252 -5.29 12.49 22.07
N SER A 253 -5.71 12.63 23.32
CA SER A 253 -6.39 13.82 23.78
C SER A 253 -5.50 14.31 24.91
N VAL A 254 -4.94 15.50 24.78
CA VAL A 254 -4.08 16.02 25.83
C VAL A 254 -4.55 17.37 26.37
N ASP A 255 -4.39 17.56 27.67
CA ASP A 255 -4.80 18.80 28.31
C ASP A 255 -3.55 19.52 28.84
N ILE A 256 -3.51 20.84 28.66
CA ILE A 256 -2.38 21.63 29.12
C ILE A 256 -2.88 22.88 29.82
N ASN A 257 -2.42 23.09 31.05
CA ASN A 257 -2.81 24.26 31.83
C ASN A 257 -2.20 25.51 31.24
N GLU A 258 -2.82 26.68 31.47
CA GLU A 258 -2.29 27.92 30.94
C GLU A 258 -0.90 28.08 31.53
N GLY A 259 0.04 28.56 30.73
CA GLY A 259 1.40 28.74 31.21
C GLY A 259 2.23 27.49 31.03
N ALA A 260 1.61 26.34 31.28
CA ALA A 260 2.29 25.04 31.14
C ALA A 260 2.76 24.89 29.70
N LEU A 261 3.73 24.02 29.51
CA LEU A 261 4.27 23.82 28.18
C LEU A 261 4.58 22.34 27.96
N LEU A 262 4.28 21.84 26.77
CA LEU A 262 4.55 20.44 26.44
C LEU A 262 5.98 20.34 25.91
N LEU A 263 6.90 19.90 26.76
CA LEU A 263 8.31 19.76 26.42
C LEU A 263 8.58 19.33 24.98
N PRO A 264 9.62 19.92 24.35
CA PRO A 264 9.99 19.58 22.97
C PRO A 264 10.26 18.09 22.84
N HIS A 265 9.69 17.48 21.81
CA HIS A 265 9.86 16.06 21.57
C HIS A 265 9.60 15.83 20.10
N PHE A 266 9.52 14.56 19.72
CA PHE A 266 9.22 14.21 18.34
C PHE A 266 8.67 12.81 18.29
N ASN A 267 7.95 12.52 17.21
CA ASN A 267 7.36 11.20 17.01
C ASN A 267 8.28 10.40 16.08
N SER A 268 8.58 9.16 16.48
CA SER A 268 9.46 8.29 15.70
C SER A 268 9.02 8.04 14.26
N LYS A 269 7.77 7.64 14.06
CA LYS A 269 7.33 7.38 12.69
C LYS A 269 5.91 7.81 12.34
N ALA A 270 5.13 8.22 13.33
CA ALA A 270 3.75 8.64 13.09
C ALA A 270 3.62 10.10 12.64
N ILE A 271 2.74 10.36 11.69
CA ILE A 271 2.48 11.72 11.22
C ILE A 271 1.29 12.20 12.02
N VAL A 272 1.52 13.08 12.99
CA VAL A 272 0.46 13.57 13.85
C VAL A 272 -0.29 14.78 13.31
N ILE A 273 -1.63 14.70 13.37
CA ILE A 273 -2.54 15.76 12.94
C ILE A 273 -3.21 16.24 14.20
N LEU A 274 -2.94 17.45 14.65
CA LEU A 274 -3.58 17.90 15.86
C LEU A 274 -4.65 18.94 15.60
N VAL A 275 -5.79 18.79 16.28
CA VAL A 275 -6.92 19.71 16.14
C VAL A 275 -7.12 20.41 17.47
N ILE A 276 -7.10 21.74 17.47
CA ILE A 276 -7.30 22.49 18.69
C ILE A 276 -8.80 22.46 19.02
N ASN A 277 -9.15 21.88 20.15
CA ASN A 277 -10.55 21.79 20.55
C ASN A 277 -11.03 23.07 21.21
N GLU A 278 -10.42 23.39 22.35
CA GLU A 278 -10.76 24.59 23.11
C GLU A 278 -9.49 25.29 23.61
N GLY A 279 -9.52 26.62 23.68
CA GLY A 279 -8.36 27.36 24.13
C GLY A 279 -7.46 27.80 22.99
N ASP A 280 -6.28 28.32 23.33
CA ASP A 280 -5.30 28.78 22.35
C ASP A 280 -3.92 28.25 22.71
N ALA A 281 -2.94 28.50 21.86
CA ALA A 281 -1.57 28.06 22.10
C ALA A 281 -0.66 28.37 20.92
N ASN A 282 0.63 28.52 21.20
CA ASN A 282 1.62 28.79 20.15
C ASN A 282 2.45 27.52 20.00
N ILE A 283 2.56 27.01 18.79
CA ILE A 283 3.37 25.81 18.58
C ILE A 283 4.57 26.11 17.66
N GLU A 284 5.72 25.52 17.98
CA GLU A 284 6.97 25.71 17.24
C GLU A 284 7.48 24.42 16.59
N LEU A 285 7.22 24.23 15.30
CA LEU A 285 7.70 23.04 14.60
C LEU A 285 9.09 23.34 14.10
N VAL A 286 10.02 22.40 14.24
CA VAL A 286 11.37 22.63 13.75
C VAL A 286 11.74 21.64 12.65
N GLY A 287 12.22 22.19 11.54
CA GLY A 287 12.60 21.35 10.42
C GLY A 287 13.91 21.80 9.81
N ILE A 288 14.53 20.90 9.06
CA ILE A 288 15.79 21.18 8.39
C ILE A 288 15.54 21.92 7.09
N LYS A 289 16.48 22.80 6.73
CA LYS A 289 16.37 23.57 5.49
C LYS A 289 16.89 22.74 4.32
N LEU A 302 24.20 22.84 6.84
CA LEU A 302 22.91 22.41 7.44
C LEU A 302 22.36 23.52 8.30
N GLU A 303 21.17 24.00 7.95
CA GLU A 303 20.54 25.06 8.70
C GLU A 303 19.11 24.70 9.09
N VAL A 304 18.89 24.65 10.39
CA VAL A 304 17.59 24.32 10.91
C VAL A 304 16.66 25.52 10.69
N GLN A 305 15.50 25.27 10.12
CA GLN A 305 14.52 26.35 9.90
C GLN A 305 13.37 26.10 10.83
N ARG A 306 12.93 27.14 11.53
CA ARG A 306 11.83 27.00 12.46
C ARG A 306 10.51 27.41 11.80
N TYR A 307 9.46 26.61 12.03
CA TYR A 307 8.14 26.91 11.52
C TYR A 307 7.34 27.22 12.78
N ARG A 308 6.51 28.24 12.75
CA ARG A 308 5.76 28.57 13.94
C ARG A 308 4.34 28.98 13.61
N ALA A 309 3.49 29.07 14.64
CA ALA A 309 2.10 29.44 14.44
C ALA A 309 1.33 29.62 15.74
N GLU A 310 0.31 30.46 15.68
CA GLU A 310 -0.56 30.71 16.83
C GLU A 310 -1.91 30.08 16.51
N LEU A 311 -2.21 28.93 17.13
CA LEU A 311 -3.46 28.23 16.89
C LEU A 311 -4.54 28.60 17.90
N SER A 312 -5.78 28.55 17.43
CA SER A 312 -6.95 28.85 18.26
C SER A 312 -7.97 27.73 18.09
N GLU A 313 -9.20 28.00 18.47
CA GLU A 313 -10.26 27.02 18.37
C GLU A 313 -10.50 26.59 16.92
N ASP A 314 -10.47 25.27 16.71
CA ASP A 314 -10.72 24.66 15.41
C ASP A 314 -9.61 24.82 14.37
N ASP A 315 -8.39 25.01 14.85
CA ASP A 315 -7.25 25.16 13.97
C ASP A 315 -6.53 23.80 13.85
N VAL A 316 -6.12 23.46 12.62
CA VAL A 316 -5.41 22.20 12.38
C VAL A 316 -3.96 22.47 12.05
N PHE A 317 -3.07 21.64 12.60
CA PHE A 317 -1.63 21.76 12.40
C PHE A 317 -1.10 20.33 12.26
N VAL A 318 -0.42 20.05 11.16
CA VAL A 318 0.10 18.70 10.96
C VAL A 318 1.61 18.69 11.13
N ILE A 319 2.08 17.85 12.05
CA ILE A 319 3.50 17.75 12.33
C ILE A 319 4.04 16.47 11.72
N PRO A 320 4.89 16.58 10.68
CA PRO A 320 5.49 15.44 9.99
C PRO A 320 6.26 14.55 10.95
N ALA A 321 6.55 13.33 10.53
CA ALA A 321 7.27 12.40 11.39
C ALA A 321 8.71 12.84 11.63
N ALA A 322 9.21 12.54 12.83
CA ALA A 322 10.57 12.85 13.25
C ALA A 322 10.91 14.33 13.46
N TYR A 323 9.93 15.22 13.32
CA TYR A 323 10.21 16.64 13.53
C TYR A 323 9.89 17.08 14.96
N PRO A 324 10.87 17.70 15.64
CA PRO A 324 10.68 18.16 17.03
C PRO A 324 9.76 19.39 17.12
N PHE A 325 8.79 19.35 18.02
CA PHE A 325 7.89 20.49 18.18
C PHE A 325 7.53 20.76 19.64
N VAL A 326 7.10 21.98 19.93
CA VAL A 326 6.77 22.37 21.31
C VAL A 326 5.37 22.99 21.42
N VAL A 327 4.64 22.60 22.47
CA VAL A 327 3.30 23.11 22.68
C VAL A 327 3.23 24.09 23.85
N ASN A 328 3.24 25.38 23.55
CA ASN A 328 3.19 26.41 24.57
C ASN A 328 1.78 27.01 24.61
N ALA A 329 1.02 26.59 25.64
CA ALA A 329 -0.37 27.02 25.84
C ALA A 329 -0.54 28.37 26.55
N THR A 330 -1.09 29.32 25.81
CA THR A 330 -1.34 30.67 26.31
C THR A 330 -2.72 30.81 26.95
N SER A 331 -3.33 29.66 27.25
CA SER A 331 -4.64 29.61 27.86
C SER A 331 -4.96 28.14 28.02
N ASN A 332 -5.76 27.78 29.01
CA ASN A 332 -6.09 26.37 29.19
C ASN A 332 -6.43 25.79 27.82
N LEU A 333 -5.58 24.88 27.37
CA LEU A 333 -5.74 24.26 26.06
C LEU A 333 -6.04 22.76 26.06
N ASN A 334 -6.84 22.33 25.09
CA ASN A 334 -7.18 20.93 24.94
C ASN A 334 -7.25 20.63 23.46
N PHE A 335 -6.58 19.57 23.03
CA PHE A 335 -6.63 19.23 21.62
C PHE A 335 -6.68 17.74 21.40
N LEU A 336 -6.99 17.36 20.17
CA LEU A 336 -7.08 15.98 19.78
C LEU A 336 -5.98 15.80 18.75
N ALA A 337 -5.57 14.57 18.52
CA ALA A 337 -4.52 14.32 17.56
C ALA A 337 -4.72 12.95 16.91
N PHE A 338 -4.74 12.96 15.58
CA PHE A 338 -4.88 11.73 14.82
C PHE A 338 -3.46 11.43 14.32
N GLY A 339 -2.92 10.29 14.72
CA GLY A 339 -1.57 9.94 14.29
C GLY A 339 -1.57 8.88 13.22
N ILE A 340 -1.53 9.32 11.96
CA ILE A 340 -1.53 8.40 10.83
C ILE A 340 -0.29 7.50 10.86
N ASN A 341 -0.42 6.28 10.33
CA ASN A 341 0.69 5.33 10.32
C ASN A 341 1.35 5.23 11.69
N ALA A 342 0.54 5.04 12.73
CA ALA A 342 1.01 4.95 14.11
C ALA A 342 1.57 3.63 14.59
N GLU A 343 1.51 2.60 13.76
CA GLU A 343 2.00 1.29 14.17
C GLU A 343 3.43 1.33 14.72
N ASN A 344 3.62 0.80 15.92
CA ASN A 344 4.96 0.75 16.52
C ASN A 344 5.62 2.09 16.77
N ASN A 345 4.84 3.17 16.82
CA ASN A 345 5.41 4.50 17.06
C ASN A 345 6.07 4.57 18.45
N GLN A 346 6.83 5.62 18.66
CA GLN A 346 7.52 5.83 19.93
C GLN A 346 7.71 7.33 20.09
N ARG A 347 7.51 7.82 21.30
CA ARG A 347 7.66 9.25 21.55
C ARG A 347 8.98 9.52 22.18
N ASN A 348 9.73 10.45 21.58
CA ASN A 348 11.04 10.83 22.09
C ASN A 348 11.05 12.27 22.60
N PHE A 349 11.52 12.46 23.83
CA PHE A 349 11.60 13.79 24.43
C PHE A 349 13.03 14.32 24.56
N LEU A 350 13.18 15.64 24.41
CA LEU A 350 14.48 16.29 24.48
C LEU A 350 14.80 16.84 25.86
N ALA A 351 13.78 17.27 26.59
CA ALA A 351 13.98 17.82 27.93
C ALA A 351 13.26 16.96 28.96
N GLY A 352 13.44 17.28 30.24
CA GLY A 352 12.76 16.52 31.28
C GLY A 352 13.56 15.33 31.78
N GLU A 353 13.03 14.69 32.82
CA GLU A 353 13.69 13.54 33.41
C GLU A 353 13.16 12.18 32.97
N LYS A 354 12.26 12.16 31.99
CA LYS A 354 11.72 10.88 31.53
C LYS A 354 11.56 10.82 30.02
N ASP A 355 11.89 9.66 29.45
CA ASP A 355 11.80 9.45 28.00
C ASP A 355 12.64 10.49 27.25
N ASN A 356 13.79 10.82 27.81
CA ASN A 356 14.67 11.81 27.21
C ASN A 356 15.80 11.14 26.45
N VAL A 357 15.93 11.44 25.16
CA VAL A 357 16.99 10.85 24.36
C VAL A 357 18.37 11.39 24.69
N VAL A 358 18.52 12.71 24.61
CA VAL A 358 19.79 13.37 24.89
C VAL A 358 20.44 12.85 26.16
N ARG A 359 19.62 12.38 27.10
CA ARG A 359 20.10 11.86 28.38
C ARG A 359 20.57 10.42 28.29
N GLN A 360 20.45 9.82 27.10
CA GLN A 360 20.85 8.42 26.91
C GLN A 360 22.05 8.27 25.99
N ILE A 361 22.62 9.39 25.56
CA ILE A 361 23.79 9.37 24.68
C ILE A 361 25.01 9.12 25.56
N GLU A 362 25.70 8.01 25.31
CA GLU A 362 26.87 7.65 26.08
C GLU A 362 27.74 8.83 26.52
N ARG A 363 28.21 8.72 27.76
CA ARG A 363 29.05 9.73 28.40
C ARG A 363 30.18 10.30 27.54
N GLN A 364 30.90 9.43 26.85
CA GLN A 364 32.01 9.87 26.03
C GLN A 364 31.59 10.63 24.78
N VAL A 365 30.40 10.31 24.27
CA VAL A 365 29.87 10.93 23.05
C VAL A 365 29.15 12.26 23.26
N GLN A 366 28.70 12.53 24.47
CA GLN A 366 28.01 13.79 24.74
C GLN A 366 29.03 14.91 24.70
N GLU A 367 30.27 14.56 25.04
CA GLU A 367 31.36 15.53 25.06
C GLU A 367 31.92 15.77 23.67
N LEU A 368 31.57 14.89 22.74
CA LEU A 368 32.04 14.99 21.36
C LEU A 368 31.07 15.74 20.46
N ALA A 369 29.78 15.66 20.78
CA ALA A 369 28.74 16.31 19.97
C ALA A 369 28.51 17.74 20.37
N PHE A 370 28.38 17.98 21.67
CA PHE A 370 28.13 19.32 22.19
C PHE A 370 29.39 20.07 22.56
N PRO A 371 29.38 21.40 22.35
CA PRO A 371 30.55 22.21 22.68
C PRO A 371 30.70 22.33 24.18
N GLY A 372 30.55 21.21 24.88
CA GLY A 372 30.65 21.25 26.33
C GLY A 372 31.19 19.99 26.97
N SER A 373 31.57 20.13 28.23
CA SER A 373 32.13 19.03 29.02
C SER A 373 31.08 17.95 29.23
N ALA A 374 31.51 16.69 29.12
CA ALA A 374 30.60 15.57 29.34
C ALA A 374 30.01 15.68 30.74
N GLN A 375 30.67 16.48 31.59
CA GLN A 375 30.24 16.70 32.96
C GLN A 375 29.30 17.90 32.98
N ASP A 376 29.51 18.81 32.03
CA ASP A 376 28.67 20.00 31.91
C ASP A 376 27.29 19.58 31.43
N VAL A 377 27.26 18.89 30.30
CA VAL A 377 26.03 18.43 29.71
C VAL A 377 25.21 17.65 30.74
N GLU A 378 25.83 16.64 31.35
CA GLU A 378 25.15 15.83 32.35
C GLU A 378 24.52 16.74 33.39
N ARG A 379 25.28 17.74 33.82
CA ARG A 379 24.79 18.68 34.81
C ARG A 379 23.63 19.50 34.26
N LEU A 380 23.75 19.97 33.02
CA LEU A 380 22.69 20.75 32.41
C LEU A 380 21.41 19.91 32.33
N LEU A 381 21.48 18.78 31.62
CA LEU A 381 20.34 17.91 31.44
C LEU A 381 19.61 17.54 32.73
N LYS A 382 20.32 17.59 33.85
CA LYS A 382 19.71 17.25 35.15
C LYS A 382 19.07 18.42 35.89
N LYS A 383 18.92 19.55 35.20
CA LYS A 383 18.34 20.74 35.82
C LYS A 383 16.82 20.82 35.73
N GLN A 384 16.23 20.13 34.75
CA GLN A 384 14.77 20.12 34.56
C GLN A 384 14.17 18.88 35.21
N ARG A 385 13.80 19.03 36.48
CA ARG A 385 13.22 17.93 37.25
C ARG A 385 11.88 17.41 36.73
N GLU A 386 11.16 18.25 36.00
CA GLU A 386 9.87 17.87 35.46
C GLU A 386 9.98 16.98 34.24
N SER A 387 8.87 16.32 33.92
CA SER A 387 8.80 15.43 32.76
C SER A 387 7.54 15.73 31.95
N TYR A 388 7.68 15.73 30.63
CA TYR A 388 6.57 15.99 29.71
C TYR A 388 6.02 17.41 29.81
N PHE A 389 5.35 17.70 30.92
CA PHE A 389 4.75 19.03 31.13
C PHE A 389 5.47 19.87 32.20
N VAL A 390 6.02 21.02 31.80
CA VAL A 390 6.73 21.91 32.71
C VAL A 390 6.04 23.28 32.69
N ASP A 391 6.25 24.07 33.73
CA ASP A 391 5.62 25.39 33.81
C ASP A 391 6.52 26.49 33.28
N ALA A 392 5.98 27.30 32.37
CA ALA A 392 6.74 28.39 31.76
C ALA A 392 6.63 29.65 32.58
N ASN B 8 -21.40 11.06 -22.46
CA ASN B 8 -20.42 9.95 -22.67
C ASN B 8 -20.04 9.29 -21.35
N ASN B 9 -20.99 8.52 -20.80
CA ASN B 9 -20.83 7.80 -19.55
C ASN B 9 -19.40 7.33 -19.28
N PRO B 10 -18.67 8.06 -18.43
CA PRO B 10 -17.28 7.74 -18.07
C PRO B 10 -17.10 6.32 -17.55
N PHE B 11 -18.18 5.73 -17.04
CA PHE B 11 -18.14 4.38 -16.52
C PHE B 11 -18.47 3.35 -17.60
N TYR B 12 -19.02 3.80 -18.71
CA TYR B 12 -19.36 2.87 -19.78
C TYR B 12 -18.16 2.61 -20.67
N LEU B 13 -17.76 1.35 -20.76
CA LEU B 13 -16.63 0.96 -21.60
C LEU B 13 -17.12 -0.01 -22.69
N ARG B 14 -17.34 0.55 -23.87
CA ARG B 14 -17.82 -0.20 -25.03
C ARG B 14 -16.68 -0.96 -25.70
N SER B 15 -16.89 -2.24 -25.96
CA SER B 15 -15.88 -3.07 -26.58
C SER B 15 -15.55 -2.69 -28.02
N SER B 16 -16.48 -2.00 -28.67
CA SER B 16 -16.30 -1.57 -30.05
C SER B 16 -15.12 -0.62 -30.19
N ASN B 17 -14.72 0.01 -29.09
CA ASN B 17 -13.62 0.95 -29.11
C ASN B 17 -12.94 1.13 -27.74
N SER B 18 -12.74 0.01 -27.04
CA SER B 18 -12.11 0.04 -25.73
C SER B 18 -11.05 -1.06 -25.68
N PHE B 19 -11.35 -2.15 -26.37
CA PHE B 19 -10.45 -3.29 -26.45
C PHE B 19 -9.45 -3.01 -27.57
N GLN B 20 -8.32 -3.72 -27.54
CA GLN B 20 -7.28 -3.59 -28.55
C GLN B 20 -6.52 -4.91 -28.61
N THR B 21 -6.37 -5.45 -29.81
CA THR B 21 -5.67 -6.71 -29.97
C THR B 21 -4.17 -6.55 -29.84
N LEU B 22 -3.55 -7.43 -29.06
CA LEU B 22 -2.12 -7.40 -28.87
C LEU B 22 -1.61 -8.34 -29.98
N PHE B 23 -2.57 -9.03 -30.58
CA PHE B 23 -2.31 -9.95 -31.68
C PHE B 23 -3.60 -10.56 -32.21
N GLU B 24 -3.51 -11.21 -33.36
CA GLU B 24 -4.67 -11.84 -33.99
C GLU B 24 -4.25 -12.67 -35.19
N ASN B 25 -4.87 -13.84 -35.33
CA ASN B 25 -4.58 -14.70 -36.46
C ASN B 25 -5.78 -15.61 -36.70
N GLN B 26 -5.83 -16.26 -37.85
CA GLN B 26 -6.94 -17.13 -38.21
C GLN B 26 -7.05 -18.33 -37.28
N ASN B 27 -6.44 -18.24 -36.11
CA ASN B 27 -6.46 -19.32 -35.14
C ASN B 27 -6.84 -18.86 -33.73
N GLY B 28 -6.96 -17.54 -33.55
CA GLY B 28 -7.30 -17.01 -32.24
C GLY B 28 -7.15 -15.50 -32.15
N ARG B 29 -7.52 -14.94 -30.99
CA ARG B 29 -7.41 -13.50 -30.79
C ARG B 29 -7.31 -13.12 -29.31
N ILE B 30 -6.43 -12.16 -29.02
CA ILE B 30 -6.20 -11.66 -27.66
C ILE B 30 -6.31 -10.12 -27.63
N ARG B 31 -7.24 -9.61 -26.83
CA ARG B 31 -7.43 -8.18 -26.71
C ARG B 31 -7.28 -7.71 -25.27
N LEU B 32 -6.70 -6.54 -25.10
CA LEU B 32 -6.49 -5.95 -23.77
C LEU B 32 -7.25 -4.62 -23.70
N LEU B 33 -8.07 -4.47 -22.67
CA LEU B 33 -8.87 -3.27 -22.49
C LEU B 33 -8.08 -1.99 -22.28
N GLN B 34 -8.81 -0.88 -22.17
CA GLN B 34 -8.24 0.44 -21.95
C GLN B 34 -7.93 0.63 -20.47
N ARG B 35 -7.10 1.62 -20.16
CA ARG B 35 -6.78 1.91 -18.77
C ARG B 35 -8.01 2.60 -18.21
N PHE B 36 -8.57 2.06 -17.14
CA PHE B 36 -9.76 2.66 -16.56
C PHE B 36 -9.59 4.14 -16.34
N ASN B 37 -8.46 4.54 -15.77
CA ASN B 37 -8.23 5.96 -15.50
C ASN B 37 -7.90 6.76 -16.75
N LYS B 38 -7.41 6.09 -17.79
CA LYS B 38 -7.08 6.78 -19.03
C LYS B 38 -8.35 7.37 -19.61
N ARG B 39 -9.48 6.72 -19.32
CA ARG B 39 -10.76 7.22 -19.79
C ARG B 39 -11.13 8.43 -18.95
N SER B 40 -11.54 8.18 -17.70
CA SER B 40 -11.93 9.27 -16.81
C SER B 40 -11.20 9.21 -15.48
N PRO B 41 -10.55 10.31 -15.08
CA PRO B 41 -9.83 10.32 -13.80
C PRO B 41 -10.74 9.82 -12.66
N GLN B 42 -12.04 9.94 -12.89
CA GLN B 42 -13.04 9.49 -11.91
C GLN B 42 -12.70 8.09 -11.42
N LEU B 43 -11.98 7.33 -12.25
CA LEU B 43 -11.59 5.96 -11.93
C LEU B 43 -10.10 5.84 -11.60
N GLU B 44 -9.58 6.74 -10.78
CA GLU B 44 -8.17 6.70 -10.42
C GLU B 44 -7.75 5.38 -9.79
N ASN B 45 -8.33 5.06 -8.64
CA ASN B 45 -8.03 3.84 -7.89
C ASN B 45 -8.04 2.53 -8.65
N LEU B 46 -8.35 2.57 -9.95
CA LEU B 46 -8.39 1.36 -10.75
C LEU B 46 -7.16 1.30 -11.67
N ARG B 47 -6.35 2.35 -11.62
CA ARG B 47 -5.15 2.43 -12.46
C ARG B 47 -4.26 1.19 -12.50
N ASP B 48 -4.16 0.46 -11.39
CA ASP B 48 -3.30 -0.74 -11.34
C ASP B 48 -3.85 -1.98 -12.04
N TYR B 49 -5.12 -1.96 -12.40
CA TYR B 49 -5.77 -3.11 -13.04
C TYR B 49 -5.98 -3.11 -14.56
N ARG B 50 -6.37 -4.27 -15.08
CA ARG B 50 -6.63 -4.45 -16.50
C ARG B 50 -7.53 -5.67 -16.76
N ILE B 51 -8.05 -5.75 -17.97
CA ILE B 51 -8.92 -6.85 -18.40
C ILE B 51 -8.33 -7.40 -19.70
N VAL B 52 -8.07 -8.69 -19.72
CA VAL B 52 -7.52 -9.31 -20.92
C VAL B 52 -8.52 -10.30 -21.47
N GLN B 53 -8.70 -10.27 -22.78
CA GLN B 53 -9.66 -11.18 -23.39
C GLN B 53 -8.98 -12.14 -24.34
N PHE B 54 -9.12 -13.42 -24.02
CA PHE B 54 -8.55 -14.48 -24.82
C PHE B 54 -9.66 -15.26 -25.50
N GLN B 55 -9.49 -15.53 -26.78
CA GLN B 55 -10.46 -16.32 -27.55
C GLN B 55 -9.73 -17.11 -28.64
N SER B 56 -9.81 -18.43 -28.55
CA SER B 56 -9.15 -19.31 -29.50
C SER B 56 -10.08 -20.36 -30.11
N LYS B 57 -9.81 -20.71 -31.37
CA LYS B 57 -10.60 -21.71 -32.11
C LYS B 57 -10.49 -23.09 -31.46
N PRO B 58 -10.99 -24.14 -32.12
CA PRO B 58 -10.89 -25.47 -31.50
C PRO B 58 -9.61 -26.20 -31.87
N ASN B 59 -8.98 -26.81 -30.87
CA ASN B 59 -7.74 -27.56 -31.06
C ASN B 59 -6.58 -26.63 -31.40
N THR B 60 -6.16 -25.83 -30.42
CA THR B 60 -5.07 -24.89 -30.60
C THR B 60 -4.28 -24.72 -29.30
N ILE B 61 -3.17 -24.01 -29.37
CA ILE B 61 -2.34 -23.78 -28.19
C ILE B 61 -1.62 -22.44 -28.26
N LEU B 62 -1.40 -21.85 -27.09
CA LEU B 62 -0.70 -20.57 -26.92
C LEU B 62 0.72 -20.88 -26.51
N LEU B 63 1.66 -20.74 -27.44
CA LEU B 63 3.07 -21.03 -27.17
C LEU B 63 3.55 -20.40 -25.86
N PRO B 64 4.34 -21.14 -25.07
CA PRO B 64 4.94 -20.77 -23.77
C PRO B 64 5.44 -19.32 -23.60
N HIS B 65 4.84 -18.62 -22.65
CA HIS B 65 5.21 -17.23 -22.35
C HIS B 65 5.00 -16.92 -20.87
N HIS B 66 5.28 -15.67 -20.51
CA HIS B 66 5.12 -15.18 -19.14
C HIS B 66 5.10 -13.65 -19.15
N ALA B 67 4.38 -13.06 -18.20
CA ALA B 67 4.30 -11.60 -18.15
C ALA B 67 4.54 -11.09 -16.76
N ASP B 68 5.06 -9.86 -16.66
CA ASP B 68 5.32 -9.27 -15.36
C ASP B 68 4.01 -8.79 -14.76
N ALA B 69 3.06 -9.71 -14.64
CA ALA B 69 1.74 -9.39 -14.09
C ALA B 69 1.07 -10.58 -13.44
N ASP B 70 0.24 -10.29 -12.45
CA ASP B 70 -0.53 -11.29 -11.71
C ASP B 70 -1.87 -11.40 -12.43
N PHE B 71 -2.19 -12.59 -12.92
CA PHE B 71 -3.45 -12.79 -13.63
C PHE B 71 -4.45 -13.57 -12.77
N LEU B 72 -5.73 -13.38 -13.06
CA LEU B 72 -6.79 -14.08 -12.35
C LEU B 72 -7.80 -14.38 -13.43
N LEU B 73 -7.55 -15.44 -14.20
CA LEU B 73 -8.46 -15.79 -15.29
C LEU B 73 -9.68 -16.59 -14.89
N PHE B 74 -10.79 -16.25 -15.55
CA PHE B 74 -12.07 -16.90 -15.33
C PHE B 74 -12.54 -17.34 -16.71
N VAL B 75 -12.93 -18.60 -16.84
CA VAL B 75 -13.39 -19.15 -18.13
C VAL B 75 -14.88 -18.91 -18.37
N LEU B 76 -15.20 -18.12 -19.39
CA LEU B 76 -16.58 -17.79 -19.70
C LEU B 76 -17.35 -18.90 -20.42
N SER B 77 -16.65 -19.70 -21.24
CA SER B 77 -17.29 -20.80 -21.96
C SER B 77 -16.28 -21.68 -22.68
N GLY B 78 -16.59 -22.97 -22.72
CA GLY B 78 -15.70 -23.93 -23.37
C GLY B 78 -14.78 -24.59 -22.36
N ARG B 79 -13.96 -25.53 -22.83
CA ARG B 79 -13.03 -26.22 -21.95
C ARG B 79 -11.61 -25.86 -22.30
N ALA B 80 -10.75 -25.78 -21.29
CA ALA B 80 -9.36 -25.44 -21.51
C ALA B 80 -8.40 -26.26 -20.65
N ILE B 81 -7.15 -26.32 -21.07
CA ILE B 81 -6.10 -27.04 -20.35
C ILE B 81 -4.97 -26.06 -20.09
N LEU B 82 -4.80 -25.72 -18.82
CA LEU B 82 -3.77 -24.76 -18.42
C LEU B 82 -2.57 -25.48 -17.85
N THR B 83 -1.40 -25.25 -18.46
CA THR B 83 -0.18 -25.87 -17.99
C THR B 83 0.81 -24.84 -17.48
N LEU B 84 1.11 -24.97 -16.20
CA LEU B 84 2.04 -24.07 -15.52
C LEU B 84 3.39 -24.78 -15.38
N VAL B 85 4.46 -24.11 -15.76
CA VAL B 85 5.77 -24.72 -15.66
C VAL B 85 6.69 -23.89 -14.76
N ASN B 86 7.16 -24.53 -13.70
CA ASN B 86 8.06 -23.89 -12.75
C ASN B 86 9.47 -24.37 -13.05
N ASN B 87 10.41 -24.09 -12.16
CA ASN B 87 11.79 -24.50 -12.37
C ASN B 87 12.01 -25.98 -12.07
N ASP B 88 11.13 -26.59 -11.28
CA ASP B 88 11.29 -28.00 -10.95
C ASP B 88 10.01 -28.82 -11.16
N ASP B 89 8.92 -28.13 -11.46
CA ASP B 89 7.63 -28.80 -11.70
C ASP B 89 6.91 -28.29 -12.93
N ARG B 90 5.80 -28.95 -13.23
CA ARG B 90 4.94 -28.61 -14.35
C ARG B 90 3.55 -29.10 -13.94
N ASP B 91 2.63 -28.17 -13.72
CA ASP B 91 1.28 -28.53 -13.31
C ASP B 91 0.23 -28.14 -14.33
N SER B 92 -0.66 -29.08 -14.62
CA SER B 92 -1.72 -28.86 -15.60
C SER B 92 -3.09 -29.01 -14.96
N TYR B 93 -3.99 -28.09 -15.30
CA TYR B 93 -5.33 -28.16 -14.77
C TYR B 93 -6.34 -28.24 -15.91
N ASN B 94 -7.34 -29.08 -15.71
CA ASN B 94 -8.40 -29.29 -16.70
C ASN B 94 -9.54 -28.34 -16.39
N LEU B 95 -9.40 -27.10 -16.83
CA LEU B 95 -10.39 -26.06 -16.60
C LEU B 95 -11.71 -26.28 -17.33
N HIS B 96 -12.82 -25.99 -16.64
CA HIS B 96 -14.17 -26.13 -17.21
C HIS B 96 -14.85 -24.75 -17.09
N PRO B 97 -15.88 -24.50 -17.92
CA PRO B 97 -16.56 -23.20 -17.84
C PRO B 97 -17.02 -22.88 -16.41
N GLY B 98 -16.61 -21.72 -15.90
CA GLY B 98 -16.98 -21.35 -14.55
C GLY B 98 -15.80 -21.53 -13.63
N ASP B 99 -14.72 -22.09 -14.17
CA ASP B 99 -13.51 -22.33 -13.39
C ASP B 99 -12.61 -21.09 -13.37
N ALA B 100 -12.09 -20.77 -12.20
CA ALA B 100 -11.22 -19.62 -12.02
C ALA B 100 -9.88 -20.07 -11.40
N GLN B 101 -8.81 -19.34 -11.70
CA GLN B 101 -7.49 -19.68 -11.15
C GLN B 101 -6.53 -18.51 -11.26
N ARG B 102 -5.43 -18.60 -10.52
CA ARG B 102 -4.42 -17.54 -10.49
C ARG B 102 -3.04 -17.93 -11.03
N ILE B 103 -2.55 -17.16 -11.99
CA ILE B 103 -1.25 -17.40 -12.60
C ILE B 103 -0.25 -16.37 -12.07
N PRO B 104 0.44 -16.70 -10.97
CA PRO B 104 1.43 -15.83 -10.31
C PRO B 104 2.31 -15.04 -11.28
N ALA B 105 2.75 -13.87 -10.85
CA ALA B 105 3.59 -13.03 -11.68
C ALA B 105 4.81 -13.79 -12.17
N GLY B 106 5.12 -13.63 -13.45
CA GLY B 106 6.30 -14.30 -14.00
C GLY B 106 6.22 -15.81 -14.17
N THR B 107 5.06 -16.41 -14.00
CA THR B 107 4.96 -17.86 -14.17
C THR B 107 4.82 -18.18 -15.65
N THR B 108 5.49 -19.23 -16.11
CA THR B 108 5.42 -19.63 -17.50
C THR B 108 4.26 -20.61 -17.68
N TYR B 109 3.54 -20.50 -18.80
CA TYR B 109 2.39 -21.37 -19.03
C TYR B 109 1.92 -21.30 -20.48
N TYR B 110 1.17 -22.32 -20.90
CA TYR B 110 0.61 -22.36 -22.24
C TYR B 110 -0.83 -22.88 -22.15
N LEU B 111 -1.65 -22.54 -23.13
CA LEU B 111 -3.07 -22.94 -23.16
C LEU B 111 -3.48 -23.83 -24.32
N VAL B 112 -4.15 -24.94 -24.01
CA VAL B 112 -4.60 -25.87 -25.04
C VAL B 112 -6.13 -25.94 -25.05
N ASN B 113 -6.71 -25.99 -26.25
CA ASN B 113 -8.16 -26.08 -26.41
C ASN B 113 -8.50 -27.44 -27.02
N PRO B 114 -8.72 -28.44 -26.15
CA PRO B 114 -9.04 -29.80 -26.61
C PRO B 114 -10.36 -29.97 -27.36
N HIS B 115 -11.31 -29.05 -27.15
CA HIS B 115 -12.61 -29.17 -27.82
C HIS B 115 -12.50 -29.18 -29.34
N ASP B 116 -13.45 -29.85 -30.00
CA ASP B 116 -13.43 -29.97 -31.45
C ASP B 116 -14.48 -29.15 -32.19
N HIS B 117 -15.56 -28.77 -31.53
CA HIS B 117 -16.61 -27.99 -32.20
C HIS B 117 -16.79 -26.59 -31.59
N GLN B 118 -16.65 -26.51 -30.27
CA GLN B 118 -16.81 -25.26 -29.53
C GLN B 118 -15.58 -24.37 -29.60
N ASN B 119 -15.69 -23.19 -29.00
CA ASN B 119 -14.60 -22.22 -28.93
C ASN B 119 -14.21 -22.09 -27.47
N LEU B 120 -13.24 -21.21 -27.19
CA LEU B 120 -12.78 -20.99 -25.82
C LEU B 120 -12.63 -19.50 -25.55
N LYS B 121 -13.42 -18.99 -24.60
CA LYS B 121 -13.35 -17.59 -24.24
C LYS B 121 -13.01 -17.44 -22.76
N ILE B 122 -11.83 -16.90 -22.50
CA ILE B 122 -11.39 -16.70 -21.12
C ILE B 122 -11.05 -15.25 -20.90
N ILE B 123 -11.47 -14.74 -19.75
CA ILE B 123 -11.22 -13.34 -19.40
C ILE B 123 -10.31 -13.32 -18.19
N LYS B 124 -9.43 -12.33 -18.14
CA LYS B 124 -8.50 -12.22 -17.03
C LYS B 124 -8.19 -10.78 -16.63
N LEU B 125 -8.06 -10.58 -15.32
CA LEU B 125 -7.75 -9.28 -14.75
C LEU B 125 -6.24 -9.29 -14.46
N ALA B 126 -5.51 -8.40 -15.13
CA ALA B 126 -4.07 -8.33 -14.92
C ALA B 126 -3.69 -7.30 -13.86
N ILE B 127 -2.86 -7.70 -12.91
CA ILE B 127 -2.41 -6.78 -11.86
C ILE B 127 -0.90 -6.61 -11.93
N PRO B 128 -0.41 -5.75 -12.84
CA PRO B 128 1.02 -5.47 -13.04
C PRO B 128 1.89 -5.44 -11.78
N VAL B 129 3.19 -5.63 -11.98
CA VAL B 129 4.16 -5.66 -10.89
C VAL B 129 5.24 -4.59 -11.04
N ASN B 130 5.51 -4.16 -12.26
CA ASN B 130 6.54 -3.15 -12.51
C ASN B 130 5.95 -1.76 -12.69
N LYS B 131 5.51 -1.43 -13.90
CA LYS B 131 4.91 -0.13 -14.17
C LYS B 131 3.40 -0.24 -13.90
N PRO B 132 2.85 0.68 -13.09
CA PRO B 132 1.43 0.69 -12.74
C PRO B 132 0.46 0.65 -13.91
N GLY B 133 -0.37 -0.39 -13.97
CA GLY B 133 -1.36 -0.54 -15.03
C GLY B 133 -0.88 -0.91 -16.43
N ARG B 134 0.40 -1.22 -16.57
CA ARG B 134 0.96 -1.59 -17.87
C ARG B 134 1.92 -2.78 -17.75
N TYR B 135 1.61 -3.87 -18.46
CA TYR B 135 2.45 -5.06 -18.43
C TYR B 135 2.77 -5.58 -19.84
N ASP B 136 3.83 -6.38 -19.97
CA ASP B 136 4.23 -6.94 -21.26
C ASP B 136 4.22 -8.47 -21.24
N ASP B 137 4.26 -9.08 -22.43
CA ASP B 137 4.28 -10.54 -22.58
C ASP B 137 5.68 -10.95 -23.06
N PHE B 138 6.19 -12.05 -22.53
CA PHE B 138 7.51 -12.54 -22.91
C PHE B 138 7.35 -13.95 -23.43
N PHE B 139 7.24 -14.08 -24.75
CA PHE B 139 7.05 -15.39 -25.36
C PHE B 139 8.36 -16.11 -25.62
N LEU B 140 8.47 -17.28 -25.00
CA LEU B 140 9.66 -18.12 -25.13
C LEU B 140 9.88 -18.60 -26.55
N SER B 141 8.80 -19.06 -27.17
CA SER B 141 8.84 -19.57 -28.54
C SER B 141 9.33 -18.52 -29.51
N SER B 142 9.89 -18.96 -30.64
CA SER B 142 10.33 -18.05 -31.67
C SER B 142 9.22 -18.21 -32.71
N THR B 143 8.76 -17.11 -33.28
CA THR B 143 7.66 -17.19 -34.25
C THR B 143 7.63 -16.07 -35.30
N GLN B 144 6.68 -16.18 -36.23
CA GLN B 144 6.50 -15.19 -37.30
C GLN B 144 5.93 -13.89 -36.75
N ALA B 145 5.23 -13.97 -35.63
CA ALA B 145 4.62 -12.79 -35.02
C ALA B 145 5.40 -12.30 -33.79
N GLN B 146 6.42 -13.05 -33.38
CA GLN B 146 7.21 -12.65 -32.22
C GLN B 146 8.59 -13.28 -32.13
N GLN B 147 9.59 -12.45 -31.85
CA GLN B 147 10.97 -12.90 -31.70
C GLN B 147 11.09 -13.45 -30.28
N SER B 148 11.67 -14.64 -30.13
CA SER B 148 11.83 -15.20 -28.79
C SER B 148 12.78 -14.31 -27.99
N TYR B 149 12.53 -14.15 -26.70
CA TYR B 149 13.37 -13.29 -25.87
C TYR B 149 14.78 -13.80 -25.62
N LEU B 150 15.05 -15.06 -25.99
CA LEU B 150 16.38 -15.61 -25.81
C LEU B 150 17.29 -15.01 -26.87
N GLN B 151 16.70 -14.14 -27.68
CA GLN B 151 17.40 -13.46 -28.76
C GLN B 151 17.91 -12.08 -28.34
N GLY B 152 17.60 -11.69 -27.12
CA GLY B 152 18.05 -10.38 -26.64
C GLY B 152 19.49 -10.49 -26.20
N PHE B 153 19.91 -11.70 -25.90
CA PHE B 153 21.27 -11.94 -25.47
C PHE B 153 22.19 -11.95 -26.68
N SER B 154 23.45 -11.60 -26.48
CA SER B 154 24.43 -11.58 -27.57
C SER B 154 24.69 -13.03 -27.99
N HIS B 155 25.49 -13.19 -29.03
CA HIS B 155 25.79 -14.52 -29.51
C HIS B 155 26.83 -15.17 -28.60
N ASN B 156 27.69 -14.33 -28.02
CA ASN B 156 28.74 -14.80 -27.11
C ASN B 156 28.12 -15.48 -25.90
N ILE B 157 27.16 -14.81 -25.28
CA ILE B 157 26.47 -15.32 -24.10
C ILE B 157 25.60 -16.54 -24.42
N LEU B 158 24.95 -16.52 -25.57
CA LEU B 158 24.10 -17.65 -25.96
C LEU B 158 25.00 -18.83 -26.29
N GLU B 159 26.12 -18.55 -26.95
CA GLU B 159 27.08 -19.59 -27.32
C GLU B 159 27.68 -20.20 -26.06
N THR B 160 27.93 -19.36 -25.07
CA THR B 160 28.52 -19.78 -23.79
C THR B 160 27.58 -20.54 -22.88
N SER B 161 26.38 -19.99 -22.66
CA SER B 161 25.40 -20.62 -21.79
C SER B 161 25.02 -22.02 -22.22
N PHE B 162 24.40 -22.10 -23.39
CA PHE B 162 23.94 -23.37 -23.94
C PHE B 162 25.04 -24.35 -24.30
N HIS B 163 26.29 -23.97 -24.03
CA HIS B 163 27.44 -24.81 -24.33
C HIS B 163 27.31 -25.43 -25.72
N SER B 164 27.07 -24.57 -26.70
CA SER B 164 26.91 -25.01 -28.08
C SER B 164 27.32 -23.92 -29.07
N GLU B 165 27.75 -24.36 -30.25
CA GLU B 165 28.17 -23.45 -31.30
C GLU B 165 26.88 -22.74 -31.70
N PHE B 166 26.99 -21.46 -32.03
CA PHE B 166 25.82 -20.67 -32.38
C PHE B 166 24.91 -21.26 -33.45
N GLU B 167 25.48 -21.58 -34.60
CA GLU B 167 24.69 -22.13 -35.70
C GLU B 167 23.69 -23.19 -35.25
N GLU B 168 24.05 -23.98 -34.24
CA GLU B 168 23.14 -25.02 -33.76
C GLU B 168 21.97 -24.41 -32.97
N ILE B 169 22.27 -23.55 -32.02
CA ILE B 169 21.22 -22.93 -31.22
C ILE B 169 20.28 -22.21 -32.17
N ASN B 170 20.86 -21.43 -33.07
CA ASN B 170 20.09 -20.67 -34.05
C ASN B 170 19.30 -21.66 -34.91
N ARG B 171 19.86 -22.84 -35.09
CA ARG B 171 19.24 -23.88 -35.89
C ARG B 171 18.11 -24.60 -35.17
N VAL B 172 18.20 -24.69 -33.85
CA VAL B 172 17.19 -25.41 -33.07
C VAL B 172 16.35 -24.59 -32.09
N LEU B 173 16.62 -23.30 -31.96
CA LEU B 173 15.86 -22.48 -31.01
C LEU B 173 15.23 -21.23 -31.60
N LEU B 174 16.04 -20.44 -32.30
CA LEU B 174 15.58 -19.19 -32.88
C LEU B 174 14.97 -19.35 -34.28
N GLY B 185 2.14 -18.00 -35.73
CA GLY B 185 1.58 -17.13 -34.64
C GLY B 185 1.75 -17.67 -33.23
N VAL B 186 1.28 -16.90 -32.24
CA VAL B 186 1.37 -17.30 -30.83
C VAL B 186 0.25 -18.26 -30.48
N ILE B 187 -0.76 -18.32 -31.34
CA ILE B 187 -1.91 -19.21 -31.14
C ILE B 187 -1.97 -20.07 -32.40
N VAL B 188 -1.29 -21.22 -32.38
CA VAL B 188 -1.27 -22.08 -33.56
C VAL B 188 -2.06 -23.37 -33.39
N GLU B 189 -2.31 -24.05 -34.51
CA GLU B 189 -3.07 -25.30 -34.56
C GLU B 189 -2.42 -26.45 -33.81
N LEU B 190 -3.07 -27.61 -33.84
CA LEU B 190 -2.54 -28.78 -33.16
C LEU B 190 -2.78 -30.06 -33.93
N SER B 191 -2.92 -31.17 -33.20
CA SER B 191 -3.17 -32.49 -33.77
C SER B 191 -3.80 -33.37 -32.68
N LYS B 192 -4.55 -34.39 -33.10
CA LYS B 192 -5.20 -35.29 -32.14
C LYS B 192 -4.16 -35.87 -31.20
N GLU B 193 -3.10 -36.41 -31.79
CA GLU B 193 -2.03 -37.02 -31.03
C GLU B 193 -1.59 -36.04 -29.93
N GLN B 194 -1.09 -34.89 -30.37
CA GLN B 194 -0.61 -33.86 -29.44
C GLN B 194 -1.67 -33.60 -28.36
N ILE B 195 -2.90 -33.35 -28.80
CA ILE B 195 -3.99 -33.08 -27.86
C ILE B 195 -4.11 -34.23 -26.88
N ARG B 196 -4.40 -35.42 -27.39
CA ARG B 196 -4.52 -36.60 -26.56
C ARG B 196 -3.39 -36.66 -25.53
N GLN B 197 -2.17 -36.59 -26.04
CA GLN B 197 -0.95 -36.65 -25.23
C GLN B 197 -0.92 -35.67 -24.06
N LEU B 198 -1.01 -34.39 -24.38
CA LEU B 198 -0.98 -33.35 -23.36
C LEU B 198 -2.16 -33.39 -22.38
N SER B 199 -3.29 -33.94 -22.82
CA SER B 199 -4.48 -34.00 -21.97
C SER B 199 -4.41 -34.99 -20.80
N ARG B 200 -3.97 -36.22 -21.07
CA ARG B 200 -3.87 -37.24 -20.03
C ARG B 200 -3.21 -36.73 -18.74
N ARG B 201 -3.81 -37.09 -17.60
CA ARG B 201 -3.29 -36.67 -16.30
C ARG B 201 -3.31 -35.15 -16.19
N ALA B 202 -4.44 -34.60 -15.74
CA ALA B 202 -4.59 -33.15 -15.59
C ALA B 202 -5.67 -32.80 -14.57
N LYS B 203 -5.29 -32.71 -13.31
CA LYS B 203 -6.21 -32.38 -12.22
C LYS B 203 -7.20 -31.27 -12.58
N SER B 204 -8.50 -31.52 -12.39
CA SER B 204 -9.52 -30.52 -12.70
C SER B 204 -10.48 -30.22 -11.54
N SER B 205 -10.94 -28.97 -11.51
CA SER B 205 -11.86 -28.43 -10.50
C SER B 205 -12.77 -29.45 -9.85
N SER B 206 -13.05 -29.25 -8.57
CA SER B 206 -13.91 -30.15 -7.81
C SER B 206 -14.41 -29.46 -6.53
N ARG B 207 -15.37 -30.09 -5.87
CA ARG B 207 -15.95 -29.55 -4.64
C ARG B 207 -14.89 -29.41 -3.56
N LYS B 208 -13.85 -30.21 -3.69
CA LYS B 208 -12.74 -30.20 -2.75
C LYS B 208 -11.65 -29.34 -3.37
N THR B 209 -12.04 -28.23 -3.98
CA THR B 209 -11.08 -27.35 -4.62
C THR B 209 -11.30 -25.85 -4.38
N ILE B 210 -12.21 -25.51 -3.48
CA ILE B 210 -12.50 -24.11 -3.20
C ILE B 210 -11.39 -23.37 -2.44
N SER B 211 -11.05 -23.85 -1.25
CA SER B 211 -10.05 -23.21 -0.41
C SER B 211 -8.60 -23.56 -0.72
N SER B 212 -8.28 -23.83 -1.99
CA SER B 212 -6.91 -24.18 -2.33
C SER B 212 -6.11 -22.99 -2.81
N GLU B 213 -4.79 -23.11 -2.79
CA GLU B 213 -3.92 -22.03 -3.24
C GLU B 213 -3.43 -22.31 -4.66
N ASP B 214 -3.39 -23.58 -5.03
CA ASP B 214 -2.92 -23.99 -6.34
C ASP B 214 -4.01 -24.19 -7.39
N GLU B 215 -4.83 -25.21 -7.20
CA GLU B 215 -5.89 -25.55 -8.13
C GLU B 215 -6.92 -24.46 -8.42
N PRO B 216 -7.60 -24.55 -9.57
CA PRO B 216 -8.61 -23.58 -9.99
C PRO B 216 -9.92 -24.00 -9.33
N PHE B 217 -10.82 -23.05 -9.09
CA PHE B 217 -12.08 -23.38 -8.46
C PHE B 217 -13.24 -22.91 -9.32
N ASN B 218 -14.43 -23.45 -9.06
CA ASN B 218 -15.62 -23.07 -9.83
C ASN B 218 -16.68 -22.33 -9.01
N LEU B 219 -17.18 -21.23 -9.57
CA LEU B 219 -18.18 -20.40 -8.93
C LEU B 219 -19.46 -21.19 -8.67
N ARG B 220 -20.08 -21.65 -9.76
CA ARG B 220 -21.32 -22.38 -9.73
C ARG B 220 -21.34 -23.74 -9.05
N SER B 221 -20.16 -24.31 -8.78
CA SER B 221 -20.11 -25.60 -8.10
C SER B 221 -20.45 -25.35 -6.63
N ARG B 222 -21.09 -24.20 -6.41
CA ARG B 222 -21.50 -23.75 -5.09
C ARG B 222 -22.95 -23.28 -5.22
N ASN B 223 -23.63 -23.08 -4.09
CA ASN B 223 -25.00 -22.62 -4.14
C ASN B 223 -25.03 -21.10 -4.32
N PRO B 224 -25.88 -20.60 -5.22
CA PRO B 224 -25.92 -19.14 -5.39
C PRO B 224 -26.53 -18.56 -4.14
N ILE B 225 -26.06 -17.40 -3.70
CA ILE B 225 -26.59 -16.79 -2.48
C ILE B 225 -27.97 -16.19 -2.73
N TYR B 226 -28.21 -15.71 -3.95
CA TYR B 226 -29.49 -15.12 -4.33
C TYR B 226 -30.07 -15.88 -5.51
N SER B 227 -31.34 -16.26 -5.43
CA SER B 227 -31.95 -16.97 -6.55
C SER B 227 -33.45 -17.16 -6.43
N ASN B 228 -34.16 -16.74 -7.47
CA ASN B 228 -35.61 -16.89 -7.54
C ASN B 228 -35.93 -17.23 -8.99
N ASN B 229 -37.18 -17.57 -9.27
CA ASN B 229 -37.61 -17.92 -10.62
C ASN B 229 -37.20 -16.89 -11.68
N PHE B 230 -36.52 -15.84 -11.25
CA PHE B 230 -36.09 -14.80 -12.17
C PHE B 230 -34.59 -14.66 -12.35
N GLY B 231 -33.81 -15.33 -11.50
CA GLY B 231 -32.37 -15.23 -11.63
C GLY B 231 -31.56 -15.82 -10.49
N LYS B 232 -30.25 -15.89 -10.70
CA LYS B 232 -29.33 -16.43 -9.71
C LYS B 232 -28.11 -15.54 -9.55
N PHE B 233 -27.62 -15.46 -8.32
CA PHE B 233 -26.46 -14.65 -7.98
C PHE B 233 -25.40 -15.56 -7.37
N PHE B 234 -24.26 -15.68 -8.06
CA PHE B 234 -23.16 -16.50 -7.59
C PHE B 234 -22.01 -15.60 -7.13
N GLU B 235 -21.49 -15.83 -5.93
CA GLU B 235 -20.39 -15.01 -5.44
C GLU B 235 -19.46 -15.74 -4.49
N ILE B 236 -18.15 -15.60 -4.73
CA ILE B 236 -17.13 -16.18 -3.86
C ILE B 236 -16.39 -14.98 -3.29
N THR B 237 -15.97 -15.08 -2.03
CA THR B 237 -15.29 -13.96 -1.40
C THR B 237 -13.94 -14.31 -0.78
N PRO B 238 -13.09 -13.29 -0.60
CA PRO B 238 -11.75 -13.45 -0.01
C PRO B 238 -11.81 -14.21 1.30
N GLU B 239 -13.03 -14.38 1.82
CA GLU B 239 -13.21 -15.09 3.06
C GLU B 239 -13.18 -16.60 2.85
N LYS B 240 -13.61 -17.05 1.66
CA LYS B 240 -13.68 -18.48 1.34
C LYS B 240 -12.54 -19.08 0.52
N ASN B 241 -11.92 -18.27 -0.35
CA ASN B 241 -10.85 -18.78 -1.21
C ASN B 241 -9.50 -18.11 -1.05
N PRO B 242 -8.51 -18.85 -0.53
CA PRO B 242 -7.17 -18.29 -0.34
C PRO B 242 -6.72 -17.42 -1.51
N GLN B 243 -6.79 -17.94 -2.73
CA GLN B 243 -6.36 -17.20 -3.90
C GLN B 243 -7.01 -15.83 -4.02
N LEU B 244 -8.23 -15.71 -3.51
CA LEU B 244 -8.93 -14.43 -3.58
C LEU B 244 -8.47 -13.55 -2.43
N ARG B 245 -8.23 -14.16 -1.27
CA ARG B 245 -7.77 -13.40 -0.10
C ARG B 245 -6.45 -12.71 -0.41
N ASP B 246 -5.53 -13.41 -1.06
CA ASP B 246 -4.22 -12.86 -1.40
C ASP B 246 -4.38 -11.64 -2.30
N LEU B 247 -5.50 -11.58 -3.02
CA LEU B 247 -5.77 -10.46 -3.93
C LEU B 247 -6.86 -9.54 -3.38
N ASP B 248 -7.67 -10.05 -2.47
CA ASP B 248 -8.76 -9.30 -1.90
C ASP B 248 -9.68 -8.86 -3.02
N ILE B 249 -10.31 -9.82 -3.68
CA ILE B 249 -11.21 -9.58 -4.80
C ILE B 249 -12.30 -10.63 -4.83
N PHE B 250 -13.56 -10.22 -4.86
CA PHE B 250 -14.63 -11.20 -4.91
C PHE B 250 -15.03 -11.46 -6.36
N LEU B 251 -15.41 -12.71 -6.62
CA LEU B 251 -15.84 -13.08 -7.96
C LEU B 251 -17.31 -13.38 -7.90
N SER B 252 -18.04 -12.97 -8.93
CA SER B 252 -19.46 -13.21 -8.95
C SER B 252 -20.01 -13.31 -10.37
N SER B 253 -20.86 -14.31 -10.57
CA SER B 253 -21.51 -14.55 -11.84
C SER B 253 -22.99 -14.65 -11.51
N VAL B 254 -23.82 -13.92 -12.25
CA VAL B 254 -25.24 -13.96 -12.00
C VAL B 254 -26.01 -14.27 -13.27
N ASP B 255 -27.25 -14.70 -13.10
CA ASP B 255 -28.11 -15.04 -14.23
C ASP B 255 -29.44 -14.29 -14.07
N ILE B 256 -29.80 -13.54 -15.10
CA ILE B 256 -31.04 -12.77 -15.15
C ILE B 256 -31.75 -13.05 -16.48
N ASN B 257 -33.00 -13.52 -16.40
CA ASN B 257 -33.76 -13.83 -17.61
C ASN B 257 -34.41 -12.61 -18.20
N GLU B 258 -34.60 -12.61 -19.52
CA GLU B 258 -35.22 -11.49 -20.22
C GLU B 258 -36.39 -10.94 -19.43
N GLY B 259 -36.49 -9.62 -19.38
CA GLY B 259 -37.57 -9.01 -18.64
C GLY B 259 -37.21 -8.76 -17.18
N ALA B 260 -36.75 -9.80 -16.50
CA ALA B 260 -36.37 -9.68 -15.10
C ALA B 260 -35.37 -8.54 -14.91
N LEU B 261 -35.05 -8.22 -13.66
CA LEU B 261 -34.10 -7.14 -13.38
C LEU B 261 -33.57 -7.19 -11.95
N LEU B 262 -32.30 -6.84 -11.78
CA LEU B 262 -31.65 -6.83 -10.47
C LEU B 262 -32.04 -5.59 -9.68
N LEU B 263 -32.81 -5.79 -8.62
CA LEU B 263 -33.28 -4.70 -7.79
C LEU B 263 -32.19 -3.72 -7.39
N PRO B 264 -32.48 -2.42 -7.46
CA PRO B 264 -31.52 -1.38 -7.09
C PRO B 264 -30.84 -1.66 -5.76
N HIS B 265 -29.51 -1.58 -5.74
CA HIS B 265 -28.74 -1.84 -4.53
C HIS B 265 -27.43 -1.10 -4.59
N PHE B 266 -26.58 -1.31 -3.58
CA PHE B 266 -25.28 -0.68 -3.55
C PHE B 266 -24.27 -1.39 -2.66
N ASN B 267 -23.08 -1.63 -3.20
CA ASN B 267 -22.01 -2.29 -2.46
C ASN B 267 -21.44 -1.26 -1.49
N SER B 268 -21.19 -1.69 -0.25
CA SER B 268 -20.66 -0.78 0.75
C SER B 268 -19.25 -0.26 0.49
N LYS B 269 -18.32 -1.16 0.16
CA LYS B 269 -16.94 -0.73 -0.09
C LYS B 269 -16.27 -1.37 -1.29
N ALA B 270 -16.96 -2.33 -1.92
CA ALA B 270 -16.39 -2.99 -3.09
C ALA B 270 -16.56 -2.20 -4.37
N ILE B 271 -15.50 -2.11 -5.16
CA ILE B 271 -15.57 -1.42 -6.45
C ILE B 271 -15.80 -2.53 -7.45
N VAL B 272 -16.89 -2.45 -8.21
CA VAL B 272 -17.22 -3.50 -9.16
C VAL B 272 -17.02 -3.19 -10.62
N ILE B 273 -16.33 -4.12 -11.28
CA ILE B 273 -16.05 -4.05 -12.71
C ILE B 273 -16.86 -5.22 -13.23
N LEU B 274 -17.93 -4.95 -13.97
CA LEU B 274 -18.74 -6.03 -14.49
C LEU B 274 -18.63 -6.16 -16.01
N VAL B 275 -18.46 -7.40 -16.46
CA VAL B 275 -18.33 -7.70 -17.88
C VAL B 275 -19.51 -8.53 -18.34
N ILE B 276 -20.10 -8.12 -19.46
CA ILE B 276 -21.25 -8.82 -20.04
C ILE B 276 -20.84 -10.04 -20.85
N ASN B 277 -21.08 -11.23 -20.29
CA ASN B 277 -20.73 -12.47 -20.97
C ASN B 277 -21.63 -12.71 -22.16
N GLU B 278 -22.93 -12.89 -21.90
CA GLU B 278 -23.91 -13.13 -22.95
C GLU B 278 -25.25 -12.52 -22.59
N GLY B 279 -25.95 -12.02 -23.61
CA GLY B 279 -27.25 -11.41 -23.42
C GLY B 279 -27.22 -9.92 -23.73
N ASP B 280 -28.17 -9.18 -23.18
CA ASP B 280 -28.26 -7.72 -23.36
C ASP B 280 -28.96 -7.13 -22.14
N ALA B 281 -28.62 -5.89 -21.80
CA ALA B 281 -29.25 -5.27 -20.64
C ALA B 281 -28.97 -3.77 -20.57
N ASN B 282 -29.82 -3.07 -19.84
CA ASN B 282 -29.68 -1.64 -19.64
C ASN B 282 -29.25 -1.43 -18.20
N ILE B 283 -28.39 -0.43 -17.97
CA ILE B 283 -27.90 -0.18 -16.62
C ILE B 283 -28.06 1.26 -16.15
N GLU B 284 -28.44 1.40 -14.88
CA GLU B 284 -28.64 2.71 -14.28
C GLU B 284 -27.74 2.90 -13.07
N LEU B 285 -26.95 3.97 -13.09
CA LEU B 285 -26.03 4.30 -12.00
C LEU B 285 -26.41 5.70 -11.54
N VAL B 286 -26.22 5.98 -10.25
CA VAL B 286 -26.54 7.31 -9.73
C VAL B 286 -25.51 7.85 -8.74
N GLY B 287 -25.04 9.06 -9.00
CA GLY B 287 -24.08 9.72 -8.13
C GLY B 287 -24.54 11.15 -7.93
N ILE B 288 -24.04 11.81 -6.88
CA ILE B 288 -24.42 13.19 -6.61
C ILE B 288 -23.79 14.10 -7.65
N LYS B 289 -24.39 15.27 -7.86
CA LYS B 289 -23.87 16.21 -8.83
C LYS B 289 -23.10 17.35 -8.15
N LEU B 302 -28.79 20.24 -3.76
CA LEU B 302 -27.85 19.20 -4.26
C LEU B 302 -28.61 18.18 -5.10
N GLU B 303 -28.30 18.15 -6.39
CA GLU B 303 -28.98 17.25 -7.31
C GLU B 303 -28.21 15.98 -7.60
N VAL B 304 -28.94 14.89 -7.80
CA VAL B 304 -28.36 13.59 -8.10
C VAL B 304 -28.23 13.45 -9.62
N GLN B 305 -27.10 12.91 -10.09
CA GLN B 305 -26.88 12.71 -11.51
C GLN B 305 -27.08 11.24 -11.88
N ARG B 306 -27.62 11.00 -13.08
CA ARG B 306 -27.86 9.63 -13.53
C ARG B 306 -26.97 9.23 -14.68
N TYR B 307 -26.35 8.06 -14.56
CA TYR B 307 -25.50 7.52 -15.61
C TYR B 307 -26.21 6.27 -16.12
N ARG B 308 -26.46 6.24 -17.42
CA ARG B 308 -27.17 5.12 -18.02
C ARG B 308 -26.50 4.60 -19.28
N ALA B 309 -26.53 3.29 -19.48
CA ALA B 309 -25.91 2.69 -20.65
C ALA B 309 -26.56 1.36 -21.01
N GLU B 310 -26.45 1.00 -22.28
CA GLU B 310 -27.01 -0.26 -22.77
C GLU B 310 -25.87 -1.23 -23.03
N LEU B 311 -25.55 -2.03 -22.02
CA LEU B 311 -24.48 -2.99 -22.14
C LEU B 311 -24.86 -4.12 -23.09
N SER B 312 -23.92 -4.50 -23.94
CA SER B 312 -24.11 -5.58 -24.89
C SER B 312 -23.03 -6.62 -24.63
N GLU B 313 -22.92 -7.61 -25.50
CA GLU B 313 -21.92 -8.64 -25.32
C GLU B 313 -20.50 -8.08 -25.33
N ASP B 314 -19.72 -8.48 -24.32
CA ASP B 314 -18.33 -8.08 -24.17
C ASP B 314 -18.09 -6.62 -23.81
N ASP B 315 -19.06 -6.01 -23.15
CA ASP B 315 -18.93 -4.62 -22.75
C ASP B 315 -18.59 -4.60 -21.27
N VAL B 316 -17.83 -3.59 -20.86
CA VAL B 316 -17.42 -3.43 -19.47
C VAL B 316 -18.08 -2.21 -18.88
N PHE B 317 -18.52 -2.35 -17.64
CA PHE B 317 -19.17 -1.25 -16.91
C PHE B 317 -18.62 -1.34 -15.50
N VAL B 318 -18.11 -0.22 -14.97
CA VAL B 318 -17.58 -0.23 -13.62
C VAL B 318 -18.47 0.60 -12.72
N ILE B 319 -18.91 0.01 -11.61
CA ILE B 319 -19.77 0.69 -10.66
C ILE B 319 -18.99 0.96 -9.39
N PRO B 320 -18.63 2.24 -9.15
CA PRO B 320 -17.88 2.62 -7.96
C PRO B 320 -18.48 2.08 -6.66
N ALA B 321 -17.87 2.45 -5.54
CA ALA B 321 -18.33 2.00 -4.24
C ALA B 321 -19.52 2.81 -3.77
N ALA B 322 -20.38 2.17 -2.98
CA ALA B 322 -21.57 2.79 -2.41
C ALA B 322 -22.45 3.61 -3.34
N TYR B 323 -22.43 3.33 -4.63
CA TYR B 323 -23.30 4.03 -5.58
C TYR B 323 -24.45 3.07 -5.91
N PRO B 324 -25.70 3.50 -5.74
CA PRO B 324 -26.79 2.57 -6.06
C PRO B 324 -26.88 2.37 -7.58
N PHE B 325 -27.17 1.14 -8.01
CA PHE B 325 -27.30 0.89 -9.44
C PHE B 325 -28.30 -0.26 -9.65
N VAL B 326 -28.84 -0.36 -10.86
CA VAL B 326 -29.82 -1.39 -11.19
C VAL B 326 -29.61 -1.93 -12.60
N VAL B 327 -29.78 -3.24 -12.76
CA VAL B 327 -29.62 -3.87 -14.07
C VAL B 327 -30.94 -4.47 -14.56
N ASN B 328 -31.36 -4.04 -15.75
CA ASN B 328 -32.58 -4.53 -16.37
C ASN B 328 -32.13 -5.32 -17.61
N ALA B 329 -32.55 -6.57 -17.69
CA ALA B 329 -32.16 -7.42 -18.81
C ALA B 329 -33.19 -7.43 -19.93
N THR B 330 -32.74 -7.06 -21.13
CA THR B 330 -33.61 -7.04 -22.30
C THR B 330 -33.30 -8.24 -23.18
N SER B 331 -33.17 -9.40 -22.52
CA SER B 331 -32.86 -10.69 -23.15
C SER B 331 -32.15 -11.49 -22.07
N ASN B 332 -32.23 -12.81 -22.12
CA ASN B 332 -31.57 -13.65 -21.12
C ASN B 332 -30.12 -13.20 -21.00
N LEU B 333 -29.73 -12.76 -19.81
CA LEU B 333 -28.38 -12.25 -19.60
C LEU B 333 -27.56 -12.94 -18.50
N ASN B 334 -26.24 -12.84 -18.65
CA ASN B 334 -25.28 -13.40 -17.71
C ASN B 334 -23.98 -12.63 -17.80
N PHE B 335 -23.51 -12.11 -16.67
CA PHE B 335 -22.28 -11.33 -16.65
C PHE B 335 -21.37 -11.78 -15.50
N LEU B 336 -20.09 -11.43 -15.61
CA LEU B 336 -19.11 -11.77 -14.58
C LEU B 336 -18.70 -10.47 -13.91
N ALA B 337 -18.44 -10.52 -12.61
CA ALA B 337 -18.06 -9.30 -11.89
C ALA B 337 -16.89 -9.46 -10.92
N PHE B 338 -15.89 -8.59 -11.09
CA PHE B 338 -14.72 -8.59 -10.22
C PHE B 338 -14.96 -7.49 -9.16
N GLY B 339 -14.80 -7.84 -7.89
CA GLY B 339 -15.01 -6.85 -6.85
C GLY B 339 -13.68 -6.45 -6.21
N ILE B 340 -13.23 -5.22 -6.47
CA ILE B 340 -11.97 -4.73 -5.92
C ILE B 340 -12.20 -4.19 -4.49
N ASN B 341 -11.23 -4.40 -3.61
CA ASN B 341 -11.33 -3.97 -2.22
C ASN B 341 -12.54 -4.63 -1.55
N ALA B 342 -12.75 -5.91 -1.82
CA ALA B 342 -13.92 -6.63 -1.30
C ALA B 342 -13.90 -7.31 0.05
N GLU B 343 -12.80 -7.22 0.80
CA GLU B 343 -12.72 -7.89 2.10
C GLU B 343 -14.07 -7.98 2.84
N ASN B 344 -14.44 -6.95 3.58
CA ASN B 344 -15.70 -6.99 4.30
C ASN B 344 -16.79 -6.19 3.61
N ASN B 345 -17.17 -6.63 2.40
CA ASN B 345 -18.21 -5.97 1.61
C ASN B 345 -19.64 -6.29 2.05
N GLN B 346 -20.56 -5.41 1.68
CA GLN B 346 -21.97 -5.58 2.01
C GLN B 346 -22.86 -5.04 0.91
N ARG B 347 -23.79 -5.88 0.45
CA ARG B 347 -24.71 -5.51 -0.59
C ARG B 347 -25.97 -5.03 0.12
N ASN B 348 -26.39 -3.82 -0.19
CA ASN B 348 -27.59 -3.26 0.41
C ASN B 348 -28.66 -3.04 -0.64
N PHE B 349 -29.85 -3.57 -0.39
CA PHE B 349 -30.96 -3.41 -1.32
C PHE B 349 -31.93 -2.37 -0.79
N LEU B 350 -32.35 -1.46 -1.66
CA LEU B 350 -33.30 -0.40 -1.29
C LEU B 350 -34.71 -0.72 -1.72
N ALA B 351 -34.87 -1.86 -2.40
CA ALA B 351 -36.19 -2.26 -2.86
C ALA B 351 -36.38 -3.76 -2.70
N GLY B 352 -37.55 -4.16 -2.19
CA GLY B 352 -37.80 -5.56 -2.01
C GLY B 352 -37.95 -5.95 -0.55
N GLU B 353 -38.24 -7.22 -0.31
CA GLU B 353 -38.43 -7.73 1.04
C GLU B 353 -37.17 -8.06 1.84
N LYS B 354 -36.21 -8.76 1.24
CA LYS B 354 -34.98 -9.15 1.94
C LYS B 354 -33.76 -8.23 1.74
N ASP B 355 -33.07 -7.93 2.84
CA ASP B 355 -31.89 -7.06 2.83
C ASP B 355 -32.22 -5.65 2.32
N ASN B 356 -33.30 -5.09 2.85
CA ASN B 356 -33.77 -3.76 2.47
C ASN B 356 -33.44 -2.72 3.55
N VAL B 357 -32.40 -1.92 3.32
CA VAL B 357 -31.95 -0.90 4.27
C VAL B 357 -32.99 0.09 4.70
N VAL B 358 -33.61 0.76 3.75
CA VAL B 358 -34.64 1.76 4.06
C VAL B 358 -35.73 1.12 4.94
N ARG B 359 -35.74 -0.21 4.98
CA ARG B 359 -36.71 -0.94 5.78
C ARG B 359 -36.24 -1.11 7.23
N GLN B 360 -34.97 -0.82 7.48
CA GLN B 360 -34.39 -0.94 8.82
C GLN B 360 -34.43 0.38 9.56
N ILE B 361 -34.44 1.48 8.81
CA ILE B 361 -34.49 2.80 9.42
C ILE B 361 -35.71 2.83 10.32
N GLU B 362 -35.63 3.62 11.38
CA GLU B 362 -36.73 3.69 12.34
C GLU B 362 -37.99 4.39 11.88
N ARG B 363 -39.12 3.75 12.17
CA ARG B 363 -40.44 4.22 11.81
C ARG B 363 -40.64 5.66 12.24
N GLN B 364 -40.28 5.96 13.49
CA GLN B 364 -40.41 7.32 14.03
C GLN B 364 -39.48 8.26 13.28
N VAL B 365 -38.65 7.71 12.40
CA VAL B 365 -37.69 8.50 11.61
C VAL B 365 -37.93 8.44 10.10
N GLN B 366 -38.47 7.33 9.60
CA GLN B 366 -38.76 7.22 8.17
C GLN B 366 -39.72 8.35 7.86
N GLU B 367 -40.55 8.62 8.87
CA GLU B 367 -41.58 9.66 8.83
C GLU B 367 -40.94 11.04 8.71
N LEU B 368 -39.75 11.18 9.28
CA LEU B 368 -39.01 12.43 9.29
C LEU B 368 -38.22 12.66 8.01
N ALA B 369 -37.85 11.58 7.33
CA ALA B 369 -37.04 11.71 6.12
C ALA B 369 -37.74 11.59 4.78
N PHE B 370 -38.99 11.14 4.78
CA PHE B 370 -39.74 11.01 3.53
C PHE B 370 -40.98 11.91 3.55
N PRO B 371 -41.39 12.44 2.38
CA PRO B 371 -42.57 13.30 2.39
C PRO B 371 -43.74 12.53 3.00
N GLY B 372 -43.76 11.23 2.77
CA GLY B 372 -44.82 10.40 3.30
C GLY B 372 -44.84 10.35 4.82
N SER B 373 -45.80 9.58 5.36
CA SER B 373 -45.94 9.41 6.79
C SER B 373 -45.35 8.08 7.17
N ALA B 374 -44.99 7.94 8.44
CA ALA B 374 -44.41 6.69 8.93
C ALA B 374 -45.25 5.56 8.40
N GLN B 375 -46.55 5.74 8.55
CA GLN B 375 -47.56 4.76 8.12
C GLN B 375 -47.57 4.52 6.60
N ASP B 376 -47.66 5.59 5.83
CA ASP B 376 -47.71 5.49 4.37
C ASP B 376 -46.48 4.85 3.75
N VAL B 377 -45.35 4.94 4.43
CA VAL B 377 -44.11 4.36 3.91
C VAL B 377 -44.10 2.85 4.12
N GLU B 378 -44.35 2.42 5.36
CA GLU B 378 -44.36 1.00 5.69
C GLU B 378 -45.19 0.27 4.64
N ARG B 379 -46.46 0.64 4.55
CA ARG B 379 -47.39 0.05 3.61
C ARG B 379 -46.78 -0.04 2.21
N LEU B 380 -46.08 1.02 1.81
CA LEU B 380 -45.47 1.08 0.49
C LEU B 380 -44.29 0.12 0.36
N LEU B 381 -43.45 0.12 1.39
CA LEU B 381 -42.29 -0.76 1.38
C LEU B 381 -42.76 -2.20 1.40
N LYS B 382 -44.08 -2.38 1.46
CA LYS B 382 -44.69 -3.71 1.49
C LYS B 382 -45.19 -4.18 0.13
N LYS B 383 -45.51 -3.22 -0.75
CA LYS B 383 -46.02 -3.53 -2.09
C LYS B 383 -45.17 -4.57 -2.80
N GLN B 384 -43.85 -4.43 -2.73
CA GLN B 384 -42.95 -5.38 -3.37
C GLN B 384 -42.92 -6.61 -2.46
N ARG B 385 -42.99 -7.80 -3.06
CA ARG B 385 -42.99 -9.02 -2.28
C ARG B 385 -41.77 -9.92 -2.51
N GLU B 386 -41.18 -9.79 -3.69
CA GLU B 386 -40.00 -10.56 -4.03
C GLU B 386 -38.73 -9.83 -3.62
N SER B 387 -37.63 -10.56 -3.53
CA SER B 387 -36.36 -9.97 -3.15
C SER B 387 -35.30 -10.24 -4.23
N TYR B 388 -34.31 -9.37 -4.32
CA TYR B 388 -33.22 -9.54 -5.28
C TYR B 388 -33.60 -9.42 -6.77
N PHE B 389 -34.27 -10.44 -7.29
CA PHE B 389 -34.65 -10.43 -8.71
C PHE B 389 -36.18 -10.48 -8.83
N VAL B 390 -36.73 -9.59 -9.66
CA VAL B 390 -38.17 -9.54 -9.87
C VAL B 390 -38.53 -9.48 -11.34
N ASP B 391 -39.81 -9.68 -11.64
CA ASP B 391 -40.32 -9.67 -13.00
C ASP B 391 -40.72 -8.27 -13.46
N ALA B 392 -40.41 -7.94 -14.72
CA ALA B 392 -40.74 -6.63 -15.28
C ALA B 392 -42.19 -6.57 -15.76
N ASN C 8 22.64 4.41 -23.41
CA ASN C 8 21.93 4.94 -22.21
C ASN C 8 20.88 3.97 -21.72
N ASN C 9 21.34 3.00 -20.93
CA ASN C 9 20.47 1.99 -20.35
C ASN C 9 19.83 2.62 -19.11
N PRO C 10 18.53 2.93 -19.18
CA PRO C 10 17.81 3.54 -18.05
C PRO C 10 18.07 2.81 -16.76
N PHE C 11 18.24 1.50 -16.83
CA PHE C 11 18.47 0.68 -15.65
C PHE C 11 19.92 0.69 -15.18
N TYR C 12 20.71 1.62 -15.70
CA TYR C 12 22.12 1.73 -15.32
C TYR C 12 22.43 3.10 -14.75
N LEU C 13 23.00 3.12 -13.55
CA LEU C 13 23.35 4.38 -12.89
C LEU C 13 24.85 4.44 -12.63
N ARG C 14 25.55 5.30 -13.37
CA ARG C 14 26.99 5.46 -13.23
C ARG C 14 27.34 6.26 -11.97
N SER C 15 28.16 5.67 -11.11
CA SER C 15 28.56 6.33 -9.87
C SER C 15 29.14 7.73 -10.07
N SER C 16 30.06 7.85 -11.02
CA SER C 16 30.68 9.13 -11.30
C SER C 16 29.67 10.25 -11.44
N ASN C 17 28.49 9.92 -11.97
CA ASN C 17 27.45 10.93 -12.17
C ASN C 17 26.04 10.51 -11.71
N SER C 18 25.95 9.82 -10.58
CA SER C 18 24.65 9.39 -10.07
C SER C 18 24.58 9.57 -8.57
N PHE C 19 25.72 9.83 -7.95
CA PHE C 19 25.80 10.02 -6.51
C PHE C 19 25.93 11.50 -6.14
N GLN C 20 25.38 11.87 -5.00
CA GLN C 20 25.44 13.26 -4.54
C GLN C 20 25.87 13.32 -3.08
N THR C 21 27.10 13.78 -2.85
CA THR C 21 27.66 13.88 -1.52
C THR C 21 26.83 14.76 -0.60
N LEU C 22 26.54 14.24 0.60
CA LEU C 22 25.78 14.97 1.59
C LEU C 22 26.74 15.67 2.55
N PHE C 23 27.67 14.88 3.11
CA PHE C 23 28.69 15.41 4.00
C PHE C 23 29.99 14.71 3.68
N GLU C 24 31.09 15.46 3.69
CA GLU C 24 32.40 14.89 3.37
C GLU C 24 33.57 15.72 3.88
N ASN C 25 34.54 15.02 4.46
CA ASN C 25 35.74 15.66 4.98
C ASN C 25 36.88 14.65 5.06
N GLN C 26 37.87 14.92 5.88
CA GLN C 26 39.01 14.01 6.00
C GLN C 26 38.68 12.71 6.71
N ASN C 27 37.61 12.71 7.50
CA ASN C 27 37.22 11.52 8.25
C ASN C 27 36.20 10.65 7.54
N GLY C 28 36.00 10.89 6.25
CA GLY C 28 35.04 10.08 5.51
C GLY C 28 33.97 10.94 4.87
N ARG C 29 33.11 10.31 4.08
CA ARG C 29 32.03 11.03 3.41
C ARG C 29 30.79 10.16 3.23
N ILE C 30 29.64 10.82 3.08
CA ILE C 30 28.36 10.14 2.89
C ILE C 30 27.79 10.60 1.55
N ARG C 31 27.40 9.65 0.70
CA ARG C 31 26.83 9.97 -0.61
C ARG C 31 25.43 9.42 -0.74
N LEU C 32 24.59 10.13 -1.48
CA LEU C 32 23.20 9.71 -1.67
C LEU C 32 22.83 9.55 -3.16
N LEU C 33 22.56 8.32 -3.58
CA LEU C 33 22.20 8.05 -4.98
C LEU C 33 21.08 8.97 -5.42
N GLN C 34 20.77 9.00 -6.72
CA GLN C 34 19.70 9.86 -7.18
C GLN C 34 18.37 9.11 -7.19
N ARG C 35 17.27 9.83 -7.41
CA ARG C 35 15.95 9.22 -7.44
C ARG C 35 15.80 8.22 -8.59
N PHE C 36 15.40 7.01 -8.24
CA PHE C 36 15.23 5.94 -9.23
C PHE C 36 14.30 6.33 -10.36
N ASN C 37 13.33 7.20 -10.06
CA ASN C 37 12.34 7.63 -11.03
C ASN C 37 12.74 8.89 -11.80
N LYS C 38 13.45 9.79 -11.13
CA LYS C 38 13.90 11.02 -11.76
C LYS C 38 14.72 10.64 -12.98
N ARG C 39 15.38 9.49 -12.88
CA ARG C 39 16.19 8.98 -13.97
C ARG C 39 15.22 8.66 -15.12
N SER C 40 14.44 7.60 -14.94
CA SER C 40 13.46 7.21 -15.95
C SER C 40 12.14 6.76 -15.34
N PRO C 41 11.03 7.37 -15.78
CA PRO C 41 9.68 7.04 -15.29
C PRO C 41 9.41 5.53 -15.31
N GLN C 42 10.27 4.82 -16.02
CA GLN C 42 10.14 3.37 -16.12
C GLN C 42 10.34 2.73 -14.76
N LEU C 43 10.98 3.45 -13.85
CA LEU C 43 11.26 2.94 -12.51
C LEU C 43 10.35 3.54 -11.44
N GLU C 44 9.18 3.99 -11.85
CA GLU C 44 8.22 4.61 -10.93
C GLU C 44 7.97 3.77 -9.68
N ASN C 45 7.98 2.46 -9.82
CA ASN C 45 7.72 1.57 -8.69
C ASN C 45 8.82 1.54 -7.65
N LEU C 46 9.78 2.45 -7.75
CA LEU C 46 10.89 2.52 -6.81
C LEU C 46 11.06 3.93 -6.27
N ARG C 47 10.15 4.82 -6.69
CA ARG C 47 10.20 6.22 -6.24
C ARG C 47 10.33 6.36 -4.73
N ASP C 48 9.96 5.32 -3.99
CA ASP C 48 10.03 5.38 -2.53
C ASP C 48 11.31 4.81 -1.95
N TYR C 49 12.30 4.50 -2.79
CA TYR C 49 13.55 3.92 -2.31
C TYR C 49 14.81 4.73 -2.64
N ARG C 50 15.80 4.67 -1.77
CA ARG C 50 17.05 5.39 -1.96
C ARG C 50 18.27 4.58 -1.55
N ILE C 51 19.41 4.93 -2.14
CA ILE C 51 20.68 4.26 -1.88
C ILE C 51 21.67 5.19 -1.19
N VAL C 52 22.18 4.75 -0.05
CA VAL C 52 23.14 5.54 0.69
C VAL C 52 24.46 4.77 0.83
N GLN C 53 25.56 5.51 0.79
CA GLN C 53 26.88 4.91 0.90
C GLN C 53 27.63 5.67 1.98
N PHE C 54 28.15 4.94 2.96
CA PHE C 54 28.87 5.58 4.04
C PHE C 54 30.24 4.95 4.12
N GLN C 55 31.27 5.78 4.14
CA GLN C 55 32.66 5.35 4.22
C GLN C 55 33.39 6.24 5.21
N SER C 56 34.11 5.63 6.16
CA SER C 56 34.81 6.42 7.16
C SER C 56 36.22 5.91 7.43
N LYS C 57 37.08 6.81 7.90
CA LYS C 57 38.46 6.47 8.21
C LYS C 57 38.53 5.80 9.59
N PRO C 58 39.58 4.99 9.81
CA PRO C 58 39.77 4.29 11.09
C PRO C 58 39.55 5.14 12.34
N ASN C 59 39.15 4.47 13.42
CA ASN C 59 38.90 5.12 14.70
C ASN C 59 38.09 6.41 14.64
N THR C 60 36.86 6.34 14.12
CA THR C 60 36.02 7.53 14.02
C THR C 60 34.60 7.29 14.51
N ILE C 61 33.81 8.35 14.53
CA ILE C 61 32.42 8.29 15.00
C ILE C 61 31.50 9.28 14.29
N LEU C 62 30.34 8.80 13.85
CA LEU C 62 29.35 9.65 13.19
C LEU C 62 28.48 10.21 14.31
N LEU C 63 28.67 11.48 14.65
CA LEU C 63 27.90 12.10 15.72
C LEU C 63 26.43 11.69 15.71
N PRO C 64 25.79 11.69 16.90
CA PRO C 64 24.38 11.32 17.05
C PRO C 64 23.38 12.10 16.18
N HIS C 65 22.43 11.37 15.60
CA HIS C 65 21.40 11.95 14.74
C HIS C 65 20.34 10.88 14.43
N HIS C 66 19.25 11.30 13.81
CA HIS C 66 18.16 10.40 13.45
C HIS C 66 17.57 10.91 12.15
N ALA C 67 16.80 10.07 11.47
CA ALA C 67 16.21 10.51 10.21
C ALA C 67 14.77 10.04 10.03
N ASP C 68 14.01 10.74 9.20
CA ASP C 68 12.64 10.32 8.98
C ASP C 68 12.60 9.34 7.83
N ALA C 69 13.17 8.15 8.06
CA ALA C 69 13.22 7.08 7.06
C ALA C 69 13.81 5.83 7.66
N ASP C 70 13.20 4.68 7.36
CA ASP C 70 13.70 3.40 7.85
C ASP C 70 14.96 3.11 7.04
N PHE C 71 15.88 2.35 7.62
CA PHE C 71 17.12 2.01 6.92
C PHE C 71 17.36 0.52 7.04
N LEU C 72 18.03 -0.05 6.02
CA LEU C 72 18.41 -1.45 6.02
C LEU C 72 19.88 -1.38 5.62
N LEU C 73 20.77 -1.42 6.60
CA LEU C 73 22.20 -1.32 6.28
C LEU C 73 22.93 -2.64 6.19
N PHE C 74 23.85 -2.71 5.23
CA PHE C 74 24.67 -3.89 4.97
C PHE C 74 26.14 -3.46 5.02
N VAL C 75 26.92 -4.09 5.88
CA VAL C 75 28.35 -3.78 6.02
C VAL C 75 29.17 -4.56 4.97
N LEU C 76 29.56 -3.88 3.90
CA LEU C 76 30.33 -4.53 2.84
C LEU C 76 31.70 -4.98 3.30
N SER C 77 32.30 -4.22 4.20
CA SER C 77 33.63 -4.54 4.72
C SER C 77 33.98 -3.65 5.90
N GLY C 78 34.98 -4.07 6.68
CA GLY C 78 35.39 -3.30 7.84
C GLY C 78 34.70 -3.81 9.08
N ARG C 79 34.69 -3.00 10.14
CA ARG C 79 34.04 -3.40 11.38
C ARG C 79 33.48 -2.15 12.03
N ALA C 80 32.30 -2.26 12.64
CA ALA C 80 31.69 -1.10 13.29
C ALA C 80 30.87 -1.43 14.54
N ILE C 81 30.48 -0.38 15.24
CA ILE C 81 29.68 -0.52 16.45
C ILE C 81 28.47 0.38 16.35
N LEU C 82 27.34 -0.21 15.99
CA LEU C 82 26.11 0.56 15.87
C LEU C 82 25.46 0.68 17.24
N THR C 83 25.12 1.92 17.61
CA THR C 83 24.45 2.17 18.88
C THR C 83 23.17 2.94 18.61
N LEU C 84 22.04 2.36 19.00
CA LEU C 84 20.74 2.99 18.79
C LEU C 84 20.14 3.42 20.12
N VAL C 85 20.12 4.73 20.36
CA VAL C 85 19.59 5.24 21.62
C VAL C 85 18.07 5.48 21.57
N ASN C 86 17.37 4.92 22.56
CA ASN C 86 15.93 5.06 22.67
C ASN C 86 15.58 6.10 23.74
N ASN C 87 14.38 6.01 24.28
CA ASN C 87 13.98 6.96 25.31
C ASN C 87 14.27 6.48 26.72
N ASP C 88 14.58 5.20 26.86
CA ASP C 88 14.90 4.64 28.17
C ASP C 88 15.93 3.52 28.06
N ASP C 89 16.22 3.11 26.84
CA ASP C 89 17.18 2.04 26.61
C ASP C 89 18.26 2.46 25.62
N ARG C 90 19.23 1.58 25.41
CA ARG C 90 20.33 1.80 24.47
C ARG C 90 20.74 0.41 24.02
N ASP C 91 21.20 0.27 22.78
CA ASP C 91 21.58 -1.04 22.29
C ASP C 91 22.69 -0.95 21.27
N SER C 92 23.85 -1.49 21.62
CA SER C 92 25.00 -1.46 20.73
C SER C 92 25.21 -2.84 20.14
N TYR C 93 25.57 -2.86 18.87
CA TYR C 93 25.79 -4.11 18.17
C TYR C 93 27.15 -4.03 17.51
N ASN C 94 27.79 -5.17 17.30
CA ASN C 94 29.10 -5.22 16.68
C ASN C 94 28.95 -5.83 15.30
N LEU C 95 28.81 -4.98 14.29
CA LEU C 95 28.61 -5.45 12.93
C LEU C 95 29.91 -5.89 12.29
N HIS C 96 29.89 -7.06 11.65
CA HIS C 96 31.05 -7.61 10.96
C HIS C 96 30.71 -7.63 9.47
N PRO C 97 31.73 -7.89 8.62
CA PRO C 97 31.45 -7.93 7.18
C PRO C 97 30.41 -8.97 6.84
N GLY C 98 29.37 -8.55 6.12
CA GLY C 98 28.30 -9.47 5.74
C GLY C 98 27.13 -9.28 6.68
N ASP C 99 27.36 -8.54 7.75
CA ASP C 99 26.35 -8.28 8.76
C ASP C 99 25.32 -7.26 8.31
N ALA C 100 24.05 -7.55 8.56
CA ALA C 100 22.97 -6.64 8.18
C ALA C 100 22.02 -6.40 9.33
N GLN C 101 21.48 -5.18 9.38
CA GLN C 101 20.56 -4.82 10.44
C GLN C 101 19.56 -3.79 9.92
N ARG C 102 18.49 -3.58 10.69
CA ARG C 102 17.48 -2.60 10.31
C ARG C 102 17.34 -1.54 11.39
N ILE C 103 17.55 -0.29 11.02
CA ILE C 103 17.42 0.82 11.95
C ILE C 103 16.04 1.39 11.72
N PRO C 104 15.13 1.21 12.68
CA PRO C 104 13.78 1.75 12.50
C PRO C 104 13.79 3.26 12.29
N ALA C 105 12.77 3.78 11.63
CA ALA C 105 12.67 5.21 11.37
C ALA C 105 12.71 6.00 12.67
N GLY C 106 13.03 7.28 12.56
CA GLY C 106 13.08 8.13 13.75
C GLY C 106 13.88 7.61 14.93
N THR C 107 14.82 6.70 14.69
CA THR C 107 15.66 6.17 15.78
C THR C 107 16.95 7.00 15.83
N THR C 108 17.38 7.39 17.04
CA THR C 108 18.61 8.16 17.17
C THR C 108 19.74 7.13 17.21
N TYR C 109 20.85 7.40 16.53
CA TYR C 109 21.95 6.45 16.53
C TYR C 109 23.28 7.03 16.08
N TYR C 110 24.37 6.31 16.35
CA TYR C 110 25.71 6.74 15.95
C TYR C 110 26.62 5.56 15.59
N LEU C 111 27.57 5.79 14.70
CA LEU C 111 28.49 4.75 14.23
C LEU C 111 29.93 5.00 14.68
N VAL C 112 30.63 3.92 15.02
CA VAL C 112 32.01 3.98 15.46
C VAL C 112 32.86 2.97 14.68
N ASN C 113 34.03 3.41 14.23
CA ASN C 113 34.95 2.54 13.48
C ASN C 113 36.10 2.18 14.41
N PRO C 114 35.92 1.15 15.23
CA PRO C 114 36.97 0.72 16.17
C PRO C 114 38.31 0.34 15.54
N HIS C 115 38.29 -0.09 14.29
CA HIS C 115 39.51 -0.50 13.60
C HIS C 115 40.61 0.54 13.58
N ASP C 116 41.85 0.07 13.38
CA ASP C 116 43.01 0.95 13.37
C ASP C 116 43.55 1.29 11.99
N HIS C 117 43.42 0.36 11.04
CA HIS C 117 43.92 0.61 9.68
C HIS C 117 42.81 0.53 8.64
N GLN C 118 41.96 -0.48 8.77
CA GLN C 118 40.85 -0.70 7.84
C GLN C 118 39.75 0.36 7.86
N ASN C 119 39.10 0.54 6.72
CA ASN C 119 38.01 1.49 6.58
C ASN C 119 36.69 0.82 6.91
N LEU C 120 35.60 1.58 6.79
CA LEU C 120 34.26 1.07 7.05
C LEU C 120 33.36 1.51 5.91
N LYS C 121 33.04 0.58 5.01
CA LYS C 121 32.19 0.90 3.88
C LYS C 121 30.83 0.23 4.02
N ILE C 122 29.85 1.03 4.41
CA ILE C 122 28.48 0.57 4.59
C ILE C 122 27.61 1.15 3.49
N ILE C 123 26.73 0.32 2.96
CA ILE C 123 25.80 0.76 1.93
C ILE C 123 24.42 0.44 2.52
N LYS C 124 23.48 1.37 2.41
CA LYS C 124 22.15 1.15 2.98
C LYS C 124 20.99 1.57 2.09
N LEU C 125 19.87 0.87 2.25
CA LEU C 125 18.67 1.14 1.48
C LEU C 125 17.75 1.99 2.37
N ALA C 126 17.47 3.21 1.95
CA ALA C 126 16.64 4.12 2.72
C ALA C 126 15.21 4.18 2.23
N ILE C 127 14.26 4.15 3.17
CA ILE C 127 12.84 4.24 2.84
C ILE C 127 12.22 5.34 3.69
N PRO C 128 11.95 6.50 3.09
CA PRO C 128 11.36 7.65 3.78
C PRO C 128 9.91 7.42 4.24
N VAL C 129 9.49 8.19 5.23
CA VAL C 129 8.15 8.10 5.82
C VAL C 129 7.23 9.25 5.40
N ASN C 130 7.75 10.47 5.43
CA ASN C 130 7.00 11.67 5.10
C ASN C 130 6.88 11.96 3.61
N LYS C 131 7.98 12.38 2.99
CA LYS C 131 7.95 12.65 1.55
C LYS C 131 8.35 11.40 0.80
N PRO C 132 7.59 11.03 -0.23
CA PRO C 132 7.94 9.84 -1.00
C PRO C 132 9.30 10.03 -1.71
N GLY C 133 10.27 9.17 -1.38
CA GLY C 133 11.57 9.27 -2.00
C GLY C 133 12.55 10.28 -1.41
N ARG C 134 12.04 11.19 -0.59
CA ARG C 134 12.89 12.23 0.01
C ARG C 134 12.94 12.09 1.53
N TYR C 135 14.08 12.42 2.14
CA TYR C 135 14.21 12.34 3.59
C TYR C 135 15.30 13.28 4.11
N ASP C 136 15.18 13.71 5.37
CA ASP C 136 16.15 14.62 5.98
C ASP C 136 16.92 13.97 7.11
N ASP C 137 18.11 14.53 7.40
CA ASP C 137 18.97 14.02 8.47
C ASP C 137 18.96 15.04 9.59
N PHE C 138 18.51 14.64 10.78
CA PHE C 138 18.48 15.54 11.91
C PHE C 138 19.61 15.20 12.87
N PHE C 139 20.61 16.08 12.93
CA PHE C 139 21.77 15.88 13.80
C PHE C 139 21.59 16.60 15.15
N LEU C 140 21.71 15.84 16.24
CA LEU C 140 21.57 16.37 17.60
C LEU C 140 22.71 17.33 17.91
N SER C 141 23.92 16.89 17.60
CA SER C 141 25.13 17.65 17.84
C SER C 141 25.14 19.04 17.22
N SER C 142 26.00 19.91 17.76
CA SER C 142 26.17 21.26 17.26
C SER C 142 27.60 21.30 16.69
N THR C 143 27.68 21.13 15.38
CA THR C 143 28.95 21.08 14.68
C THR C 143 29.19 22.28 13.78
N GLN C 144 30.42 22.45 13.33
CA GLN C 144 30.75 23.55 12.44
C GLN C 144 30.00 23.41 11.13
N ALA C 145 29.72 22.17 10.72
CA ALA C 145 29.05 21.89 9.47
C ALA C 145 27.54 21.75 9.53
N GLN C 146 26.98 21.74 10.74
CA GLN C 146 25.53 21.63 10.86
C GLN C 146 25.05 22.12 12.21
N GLN C 147 23.88 22.76 12.22
CA GLN C 147 23.31 23.24 13.47
C GLN C 147 22.60 22.06 14.15
N SER C 148 22.31 22.20 15.43
CA SER C 148 21.61 21.14 16.16
C SER C 148 20.13 21.52 16.04
N TYR C 149 19.24 20.55 15.84
CA TYR C 149 17.83 20.90 15.71
C TYR C 149 17.30 21.65 16.92
N LEU C 150 18.05 21.61 18.02
CA LEU C 150 17.67 22.32 19.22
C LEU C 150 17.79 23.83 19.00
N GLN C 151 18.45 24.21 17.91
CA GLN C 151 18.61 25.64 17.63
C GLN C 151 17.39 26.16 16.89
N GLY C 152 16.47 25.26 16.56
CA GLY C 152 15.27 25.65 15.87
C GLY C 152 14.30 26.34 16.80
N PHE C 153 14.40 26.02 18.10
CA PHE C 153 13.54 26.60 19.13
C PHE C 153 14.00 27.98 19.57
N SER C 154 13.07 28.79 20.07
CA SER C 154 13.36 30.13 20.55
C SER C 154 14.10 30.09 21.88
N HIS C 155 14.78 31.17 22.24
CA HIS C 155 15.51 31.21 23.50
C HIS C 155 14.57 30.97 24.67
N ASN C 156 13.36 31.51 24.57
CA ASN C 156 12.37 31.39 25.63
C ASN C 156 11.99 29.93 25.87
N ILE C 157 11.56 29.26 24.80
CA ILE C 157 11.17 27.85 24.89
C ILE C 157 12.35 27.05 25.42
N LEU C 158 13.56 27.47 25.08
CA LEU C 158 14.75 26.79 25.53
C LEU C 158 14.98 27.00 27.03
N GLU C 159 14.89 28.25 27.47
CA GLU C 159 15.08 28.60 28.88
C GLU C 159 14.09 27.86 29.79
N THR C 160 12.88 27.66 29.30
CA THR C 160 11.81 27.00 30.05
C THR C 160 11.91 25.48 30.01
N SER C 161 12.31 24.95 28.87
CA SER C 161 12.42 23.51 28.69
C SER C 161 13.51 22.86 29.52
N PHE C 162 14.71 23.41 29.46
CA PHE C 162 15.86 22.87 30.19
C PHE C 162 16.01 23.38 31.62
N HIS C 163 15.28 24.44 31.95
CA HIS C 163 15.36 25.03 33.28
C HIS C 163 16.74 25.66 33.42
N SER C 164 16.99 26.72 32.67
CA SER C 164 18.29 27.37 32.73
C SER C 164 18.36 28.65 31.90
N GLU C 165 19.40 29.43 32.15
CA GLU C 165 19.64 30.68 31.43
C GLU C 165 20.18 30.31 30.05
N PHE C 166 19.99 31.18 29.07
CA PHE C 166 20.46 30.86 27.73
C PHE C 166 21.98 30.70 27.62
N GLU C 167 22.72 31.68 28.11
CA GLU C 167 24.18 31.63 28.04
C GLU C 167 24.71 30.29 28.55
N GLU C 168 23.97 29.67 29.46
CA GLU C 168 24.37 28.38 30.02
C GLU C 168 24.13 27.23 29.05
N ILE C 169 22.97 27.25 28.38
CA ILE C 169 22.65 26.20 27.42
C ILE C 169 23.37 26.43 26.10
N ASN C 170 23.83 27.65 25.89
CA ASN C 170 24.58 27.98 24.67
C ASN C 170 26.05 27.60 24.88
N ARG C 171 26.55 27.86 26.09
CA ARG C 171 27.93 27.55 26.43
C ARG C 171 28.11 26.09 26.77
N VAL C 172 27.13 25.27 26.43
CA VAL C 172 27.21 23.87 26.73
C VAL C 172 26.72 23.00 25.58
N LEU C 173 25.50 23.26 25.12
CA LEU C 173 24.91 22.48 24.03
C LEU C 173 25.05 23.04 22.61
N LEU C 174 25.06 24.36 22.47
CA LEU C 174 25.15 24.98 21.15
C LEU C 174 26.50 25.57 20.76
N GLY C 175 26.89 26.65 21.43
CA GLY C 175 28.16 27.28 21.11
C GLY C 175 27.99 28.13 19.86
N GLU C 176 27.58 29.38 20.04
CA GLU C 176 27.37 30.27 18.92
C GLU C 176 28.48 31.29 18.72
N GLN C 180 34.54 27.33 17.24
CA GLN C 180 35.92 27.07 17.77
C GLN C 180 35.91 25.99 18.85
N ARG C 181 34.86 25.99 19.67
CA ARG C 181 34.71 25.01 20.74
C ARG C 181 34.01 23.80 20.18
N GLN C 182 33.33 24.01 19.06
CA GLN C 182 32.58 22.95 18.40
C GLN C 182 33.35 22.34 17.23
N GLN C 183 33.26 21.02 17.13
CA GLN C 183 33.93 20.25 16.08
C GLN C 183 33.73 20.81 14.68
N GLU C 184 34.50 20.29 13.74
CA GLU C 184 34.44 20.74 12.35
C GLU C 184 33.24 20.18 11.58
N GLY C 185 33.11 18.86 11.58
CA GLY C 185 32.01 18.23 10.86
C GLY C 185 31.30 17.20 11.71
N VAL C 186 30.45 16.39 11.10
CA VAL C 186 29.71 15.38 11.84
C VAL C 186 30.48 14.06 11.95
N ILE C 187 31.64 14.01 11.31
CA ILE C 187 32.51 12.82 11.33
C ILE C 187 33.88 13.19 11.90
N VAL C 188 34.03 13.07 13.22
CA VAL C 188 35.27 13.41 13.90
C VAL C 188 36.01 12.16 14.41
N GLU C 189 37.30 12.34 14.72
CA GLU C 189 38.15 11.25 15.20
C GLU C 189 37.91 10.95 16.68
N LEU C 190 38.37 9.78 17.13
CA LEU C 190 38.19 9.35 18.51
C LEU C 190 39.49 9.01 19.24
N SER C 191 39.39 8.83 20.55
CA SER C 191 40.53 8.47 21.40
C SER C 191 40.44 6.98 21.64
N LYS C 192 41.57 6.29 21.60
CA LYS C 192 41.58 4.85 21.84
C LYS C 192 40.87 4.54 23.17
N GLU C 193 41.18 5.32 24.20
CA GLU C 193 40.57 5.13 25.51
C GLU C 193 39.06 5.15 25.34
N GLN C 194 38.59 5.99 24.42
CA GLN C 194 37.17 6.11 24.15
C GLN C 194 36.66 4.87 23.42
N ILE C 195 37.29 4.54 22.30
CA ILE C 195 36.88 3.37 21.53
C ILE C 195 37.01 2.17 22.44
N ARG C 196 37.95 2.24 23.36
CA ARG C 196 38.18 1.16 24.31
C ARG C 196 36.96 1.05 25.22
N GLN C 197 36.34 2.18 25.48
CA GLN C 197 35.19 2.29 26.38
C GLN C 197 33.81 2.11 25.71
N LEU C 198 33.71 2.45 24.43
CA LEU C 198 32.45 2.33 23.72
C LEU C 198 32.28 0.90 23.22
N SER C 199 33.41 0.29 22.88
CA SER C 199 33.47 -1.06 22.31
C SER C 199 33.17 -2.26 23.23
N ARG C 200 32.73 -2.05 24.45
CA ARG C 200 32.51 -3.20 25.32
C ARG C 200 31.12 -3.41 25.92
N ARG C 201 30.17 -3.82 25.06
CA ARG C 201 28.80 -4.11 25.47
C ARG C 201 27.91 -4.22 24.24
N ALA C 202 28.53 -4.22 23.07
CA ALA C 202 27.79 -4.32 21.83
C ALA C 202 27.57 -5.80 21.50
N LYS C 203 26.30 -6.20 21.48
CA LYS C 203 25.95 -7.59 21.17
C LYS C 203 26.31 -7.81 19.71
N SER C 204 26.94 -8.94 19.41
CA SER C 204 27.37 -9.22 18.05
C SER C 204 26.54 -10.29 17.36
N SER C 205 26.62 -10.30 16.03
CA SER C 205 25.89 -11.26 15.20
C SER C 205 26.40 -12.68 15.45
N SER C 206 25.51 -13.66 15.30
CA SER C 206 25.85 -15.05 15.50
C SER C 206 24.92 -15.92 14.66
N ARG C 207 25.02 -17.24 14.82
CA ARG C 207 24.18 -18.16 14.08
C ARG C 207 22.75 -18.15 14.61
N LYS C 208 22.61 -17.77 15.88
CA LYS C 208 21.31 -17.72 16.53
C LYS C 208 20.63 -16.37 16.31
N THR C 209 20.93 -15.71 15.19
CA THR C 209 20.33 -14.41 14.90
C THR C 209 19.70 -14.37 13.53
N ILE C 210 19.96 -15.41 12.73
CA ILE C 210 19.40 -15.52 11.39
C ILE C 210 17.93 -15.11 11.35
N SER C 211 17.22 -15.35 12.46
CA SER C 211 15.79 -15.03 12.55
C SER C 211 15.39 -14.23 13.79
N SER C 212 16.13 -13.17 14.08
CA SER C 212 15.82 -12.34 15.24
C SER C 212 15.29 -11.00 14.80
N GLU C 213 14.17 -10.59 15.36
CA GLU C 213 13.53 -9.33 15.00
C GLU C 213 14.37 -8.13 15.42
N ASP C 214 15.43 -8.39 16.18
CA ASP C 214 16.29 -7.31 16.65
C ASP C 214 17.70 -7.38 16.06
N GLU C 215 18.63 -7.96 16.82
CA GLU C 215 20.03 -8.09 16.41
C GLU C 215 20.28 -8.34 14.92
N PRO C 216 21.47 -7.98 14.43
CA PRO C 216 21.87 -8.16 13.02
C PRO C 216 22.08 -9.63 12.61
N PHE C 217 21.94 -9.93 11.33
CA PHE C 217 22.10 -11.29 10.84
C PHE C 217 23.15 -11.35 9.74
N ASN C 218 23.87 -12.47 9.65
CA ASN C 218 24.91 -12.59 8.64
C ASN C 218 24.49 -13.29 7.37
N LEU C 219 24.57 -12.54 6.29
CA LEU C 219 24.19 -13.03 4.97
C LEU C 219 24.95 -14.30 4.62
N ARG C 220 26.26 -14.31 4.87
CA ARG C 220 27.10 -15.44 4.52
C ARG C 220 27.26 -16.55 5.56
N SER C 221 26.80 -16.31 6.78
CA SER C 221 26.90 -17.32 7.83
C SER C 221 26.39 -18.69 7.38
N ARG C 222 25.42 -18.69 6.47
CA ARG C 222 24.86 -19.95 5.99
C ARG C 222 25.42 -20.37 4.64
N ASN C 223 25.07 -21.59 4.22
CA ASN C 223 25.54 -22.10 2.93
C ASN C 223 24.85 -21.27 1.86
N PRO C 224 25.41 -21.24 0.65
CA PRO C 224 24.74 -20.45 -0.39
C PRO C 224 23.58 -21.28 -0.91
N ILE C 225 22.83 -20.76 -1.88
CA ILE C 225 21.74 -21.55 -2.44
C ILE C 225 22.35 -22.28 -3.63
N TYR C 226 23.16 -21.55 -4.38
CA TYR C 226 23.86 -22.11 -5.54
C TYR C 226 25.33 -21.93 -5.24
N SER C 227 26.17 -22.86 -5.69
CA SER C 227 27.59 -22.71 -5.45
C SER C 227 28.39 -23.79 -6.13
N ASN C 228 29.27 -23.38 -7.03
CA ASN C 228 30.15 -24.30 -7.74
C ASN C 228 31.50 -23.63 -7.92
N ASN C 229 32.47 -24.37 -8.43
CA ASN C 229 33.82 -23.85 -8.65
C ASN C 229 33.89 -22.51 -9.41
N PHE C 230 32.75 -21.99 -9.85
CA PHE C 230 32.74 -20.73 -10.58
C PHE C 230 32.01 -19.60 -9.89
N GLY C 231 31.46 -19.86 -8.71
CA GLY C 231 30.76 -18.81 -7.99
C GLY C 231 29.96 -19.28 -6.80
N LYS C 232 29.36 -18.32 -6.10
CA LYS C 232 28.55 -18.61 -4.93
C LYS C 232 27.44 -17.58 -4.84
N PHE C 233 26.22 -18.05 -4.62
CA PHE C 233 25.06 -17.19 -4.52
C PHE C 233 24.44 -17.26 -3.13
N PHE C 234 24.82 -16.33 -2.26
CA PHE C 234 24.27 -16.29 -0.90
C PHE C 234 22.97 -15.48 -0.91
N GLU C 235 21.93 -16.00 -0.29
CA GLU C 235 20.65 -15.29 -0.27
C GLU C 235 19.83 -15.51 0.98
N ILE C 236 19.08 -14.48 1.37
CA ILE C 236 18.20 -14.52 2.53
C ILE C 236 16.87 -13.87 2.11
N THR C 237 15.77 -14.45 2.57
CA THR C 237 14.44 -13.96 2.21
C THR C 237 13.51 -13.77 3.40
N PRO C 238 12.43 -12.98 3.21
CA PRO C 238 11.46 -12.73 4.29
C PRO C 238 10.98 -14.01 4.96
N GLU C 239 10.97 -15.10 4.21
CA GLU C 239 10.56 -16.38 4.76
C GLU C 239 11.37 -16.65 6.02
N LYS C 240 12.68 -16.47 5.94
CA LYS C 240 13.57 -16.74 7.06
C LYS C 240 13.90 -15.61 8.04
N ASN C 241 13.71 -14.36 7.65
CA ASN C 241 14.04 -13.27 8.57
C ASN C 241 12.92 -12.29 8.89
N PRO C 242 12.60 -12.11 10.17
CA PRO C 242 11.53 -11.19 10.61
C PRO C 242 11.77 -9.76 10.13
N GLN C 243 13.02 -9.31 10.22
CA GLN C 243 13.37 -7.96 9.80
C GLN C 243 13.15 -7.79 8.30
N LEU C 244 13.21 -8.90 7.57
CA LEU C 244 13.06 -8.88 6.12
C LEU C 244 11.63 -9.15 5.66
N ARG C 245 10.78 -9.60 6.58
CA ARG C 245 9.40 -9.86 6.23
C ARG C 245 8.63 -8.55 6.34
N ASP C 246 9.06 -7.70 7.26
CA ASP C 246 8.45 -6.39 7.48
C ASP C 246 8.64 -5.48 6.30
N LEU C 247 9.86 -5.42 5.79
CA LEU C 247 10.15 -4.58 4.63
C LEU C 247 9.84 -5.38 3.35
N ASP C 248 9.62 -6.69 3.52
CA ASP C 248 9.34 -7.59 2.42
C ASP C 248 10.40 -7.40 1.36
N ILE C 249 11.61 -7.81 1.70
CA ILE C 249 12.75 -7.67 0.81
C ILE C 249 13.66 -8.87 1.04
N PHE C 250 14.48 -9.19 0.05
CA PHE C 250 15.42 -10.28 0.21
C PHE C 250 16.80 -9.73 -0.01
N LEU C 251 17.77 -10.34 0.66
CA LEU C 251 19.16 -9.95 0.56
C LEU C 251 19.94 -11.09 -0.05
N SER C 252 20.96 -10.78 -0.84
CA SER C 252 21.75 -11.82 -1.46
C SER C 252 23.06 -11.28 -1.96
N SER C 253 24.14 -11.73 -1.34
CA SER C 253 25.47 -11.32 -1.74
C SER C 253 25.99 -12.47 -2.57
N VAL C 254 26.36 -12.22 -3.82
CA VAL C 254 26.86 -13.29 -4.69
C VAL C 254 28.26 -12.99 -5.26
N ASP C 255 29.13 -13.99 -5.25
CA ASP C 255 30.50 -13.86 -5.77
C ASP C 255 30.63 -14.58 -7.12
N ILE C 256 31.46 -14.05 -8.02
CA ILE C 256 31.66 -14.67 -9.33
C ILE C 256 33.11 -14.58 -9.80
N ASN C 257 33.79 -15.72 -9.88
CA ASN C 257 35.18 -15.77 -10.32
C ASN C 257 35.37 -15.21 -11.71
N GLU C 258 36.40 -14.40 -11.90
CA GLU C 258 36.68 -13.83 -13.21
C GLU C 258 36.54 -14.91 -14.27
N GLY C 259 35.85 -14.61 -15.36
CA GLY C 259 35.69 -15.59 -16.42
C GLY C 259 34.40 -16.37 -16.40
N ALA C 260 33.79 -16.47 -15.21
CA ALA C 260 32.53 -17.19 -15.08
C ALA C 260 31.42 -16.15 -15.17
N LEU C 261 30.19 -16.61 -15.38
CA LEU C 261 29.04 -15.72 -15.49
C LEU C 261 27.78 -16.36 -14.96
N LEU C 262 26.82 -15.54 -14.56
CA LEU C 262 25.55 -16.04 -14.05
C LEU C 262 24.62 -16.34 -15.21
N LEU C 263 24.45 -17.62 -15.52
CA LEU C 263 23.59 -18.05 -16.62
C LEU C 263 22.24 -17.33 -16.69
N PRO C 264 21.77 -17.02 -17.90
CA PRO C 264 20.49 -16.34 -18.14
C PRO C 264 19.34 -16.82 -17.25
N HIS C 265 18.70 -15.86 -16.57
CA HIS C 265 17.60 -16.18 -15.66
C HIS C 265 16.78 -14.92 -15.42
N PHE C 266 15.58 -15.09 -14.87
CA PHE C 266 14.69 -13.98 -14.57
C PHE C 266 13.97 -14.21 -13.25
N ASN C 267 13.59 -13.13 -12.57
CA ASN C 267 12.87 -13.24 -11.30
C ASN C 267 11.36 -13.22 -11.55
N SER C 268 10.62 -14.05 -10.81
CA SER C 268 9.18 -14.14 -10.98
C SER C 268 8.45 -12.85 -10.65
N LYS C 269 8.73 -12.27 -9.49
CA LYS C 269 8.06 -11.04 -9.08
C LYS C 269 8.90 -10.04 -8.27
N ALA C 270 10.22 -10.21 -8.24
CA ALA C 270 11.05 -9.30 -7.49
C ALA C 270 11.78 -8.30 -8.37
N ILE C 271 11.87 -7.07 -7.89
CA ILE C 271 12.56 -6.02 -8.61
C ILE C 271 13.88 -5.96 -7.85
N VAL C 272 14.98 -6.23 -8.55
CA VAL C 272 16.29 -6.26 -7.94
C VAL C 272 17.11 -5.00 -8.15
N ILE C 273 17.80 -4.59 -7.10
CA ILE C 273 18.67 -3.41 -7.13
C ILE C 273 20.07 -3.92 -6.78
N LEU C 274 20.91 -4.19 -7.77
CA LEU C 274 22.24 -4.67 -7.45
C LEU C 274 23.27 -3.58 -7.51
N VAL C 275 24.16 -3.59 -6.52
CA VAL C 275 25.22 -2.62 -6.38
C VAL C 275 26.53 -3.37 -6.50
N ILE C 276 27.33 -3.03 -7.50
CA ILE C 276 28.62 -3.69 -7.68
C ILE C 276 29.50 -3.32 -6.50
N ASN C 277 29.95 -4.33 -5.76
CA ASN C 277 30.80 -4.08 -4.60
C ASN C 277 32.28 -4.21 -4.89
N GLU C 278 32.64 -5.01 -5.90
CA GLU C 278 34.04 -5.19 -6.25
C GLU C 278 34.23 -5.92 -7.57
N GLY C 279 35.09 -5.37 -8.41
CA GLY C 279 35.37 -5.98 -9.71
C GLY C 279 34.66 -5.27 -10.85
N ASP C 280 34.68 -5.89 -12.03
CA ASP C 280 34.02 -5.33 -13.22
C ASP C 280 33.00 -6.34 -13.76
N ALA C 281 32.13 -5.88 -14.65
CA ALA C 281 31.13 -6.78 -15.21
C ALA C 281 30.31 -6.23 -16.36
N ASN C 282 29.94 -7.13 -17.26
CA ASN C 282 29.12 -6.81 -18.42
C ASN C 282 27.75 -7.44 -18.19
N ILE C 283 26.71 -6.62 -18.20
CA ILE C 283 25.35 -7.11 -17.97
C ILE C 283 24.46 -6.95 -19.19
N GLU C 284 23.48 -7.84 -19.31
CA GLU C 284 22.55 -7.82 -20.42
C GLU C 284 21.12 -7.97 -19.93
N LEU C 285 20.25 -7.07 -20.40
CA LEU C 285 18.85 -7.08 -20.01
C LEU C 285 17.96 -7.07 -21.24
N VAL C 286 17.09 -8.06 -21.36
CA VAL C 286 16.18 -8.14 -22.50
C VAL C 286 14.78 -7.67 -22.12
N GLY C 287 14.16 -6.91 -23.03
CA GLY C 287 12.82 -6.40 -22.79
C GLY C 287 12.06 -6.29 -24.10
N ILE C 288 10.80 -5.88 -24.02
CA ILE C 288 9.95 -5.75 -25.21
C ILE C 288 10.07 -4.38 -25.89
N GLU C 303 9.20 -8.17 -30.92
CA GLU C 303 10.55 -7.58 -31.04
C GLU C 303 11.16 -7.29 -29.66
N VAL C 304 12.15 -8.09 -29.28
CA VAL C 304 12.82 -7.95 -27.99
C VAL C 304 13.81 -6.78 -28.05
N GLN C 305 14.33 -6.36 -26.90
CA GLN C 305 15.30 -5.28 -26.86
C GLN C 305 16.40 -5.61 -25.86
N ARG C 306 17.64 -5.33 -26.24
CA ARG C 306 18.78 -5.59 -25.38
C ARG C 306 19.03 -4.35 -24.51
N TYR C 307 19.64 -4.56 -23.35
CA TYR C 307 19.93 -3.46 -22.43
C TYR C 307 21.26 -3.74 -21.75
N ARG C 308 22.30 -3.95 -22.53
CA ARG C 308 23.63 -4.23 -21.99
C ARG C 308 24.21 -3.01 -21.28
N ALA C 309 25.26 -3.24 -20.49
CA ALA C 309 25.94 -2.17 -19.77
C ALA C 309 27.20 -2.68 -19.09
N GLU C 310 28.25 -1.88 -19.10
CA GLU C 310 29.50 -2.27 -18.48
C GLU C 310 29.64 -1.61 -17.12
N LEU C 311 29.44 -2.41 -16.07
CA LEU C 311 29.51 -1.90 -14.71
C LEU C 311 30.88 -2.00 -14.06
N SER C 312 31.12 -1.12 -13.10
CA SER C 312 32.36 -1.09 -12.34
C SER C 312 32.03 -0.94 -10.87
N GLU C 313 33.06 -0.98 -10.04
CA GLU C 313 32.89 -0.86 -8.60
C GLU C 313 31.91 0.26 -8.28
N ASP C 314 31.06 0.03 -7.28
CA ASP C 314 30.06 1.02 -6.82
C ASP C 314 28.94 1.40 -7.78
N ASP C 315 28.90 0.78 -8.94
CA ASP C 315 27.85 1.05 -9.92
C ASP C 315 26.56 0.35 -9.50
N VAL C 316 25.43 0.93 -9.86
CA VAL C 316 24.11 0.36 -9.53
C VAL C 316 23.29 0.08 -10.79
N PHE C 317 22.78 -1.13 -10.91
CA PHE C 317 21.97 -1.55 -12.05
C PHE C 317 20.69 -2.18 -11.49
N VAL C 318 19.53 -1.64 -11.85
CA VAL C 318 18.25 -2.15 -11.37
C VAL C 318 17.55 -3.02 -12.40
N ILE C 319 17.26 -4.26 -12.04
CA ILE C 319 16.63 -5.19 -12.96
C ILE C 319 15.15 -5.44 -12.73
N PRO C 320 14.30 -4.93 -13.64
CA PRO C 320 12.85 -5.09 -13.54
C PRO C 320 12.46 -6.55 -13.31
N ALA C 321 11.24 -6.76 -12.86
CA ALA C 321 10.74 -8.10 -12.59
C ALA C 321 10.35 -8.82 -13.88
N ALA C 322 10.54 -10.13 -13.91
CA ALA C 322 10.20 -10.94 -15.07
C ALA C 322 10.99 -10.49 -16.30
N TYR C 323 12.27 -10.20 -16.10
CA TYR C 323 13.15 -9.77 -17.17
C TYR C 323 14.40 -10.64 -17.14
N PRO C 324 14.66 -11.43 -18.20
CA PRO C 324 15.87 -12.25 -18.16
C PRO C 324 17.09 -11.35 -18.18
N PHE C 325 18.15 -11.78 -17.50
CA PHE C 325 19.37 -10.99 -17.47
C PHE C 325 20.57 -11.86 -17.14
N VAL C 326 21.71 -11.55 -17.77
CA VAL C 326 22.93 -12.32 -17.57
C VAL C 326 24.06 -11.41 -17.07
N VAL C 327 24.88 -11.94 -16.17
CA VAL C 327 26.00 -11.19 -15.60
C VAL C 327 27.35 -11.81 -15.94
N ASN C 328 28.19 -11.04 -16.63
CA ASN C 328 29.53 -11.49 -17.02
C ASN C 328 30.58 -10.89 -16.09
N ALA C 329 31.35 -11.74 -15.44
CA ALA C 329 32.40 -11.28 -14.51
C ALA C 329 33.73 -11.14 -15.24
N THR C 330 34.09 -9.91 -15.59
CA THR C 330 35.34 -9.64 -16.31
C THR C 330 36.56 -9.50 -15.41
N SER C 331 36.38 -9.85 -14.14
CA SER C 331 37.44 -9.79 -13.13
C SER C 331 36.76 -10.26 -11.86
N ASN C 332 37.51 -10.80 -10.92
CA ASN C 332 36.91 -11.29 -9.68
C ASN C 332 35.84 -10.30 -9.21
N LEU C 333 34.61 -10.80 -9.08
CA LEU C 333 33.48 -9.96 -8.71
C LEU C 333 32.67 -10.39 -7.47
N ASN C 334 32.01 -9.41 -6.87
CA ASN C 334 31.14 -9.60 -5.71
C ASN C 334 30.15 -8.47 -5.73
N PHE C 335 28.87 -8.78 -5.77
CA PHE C 335 27.85 -7.73 -5.78
C PHE C 335 26.75 -7.96 -4.76
N LEU C 336 26.15 -6.86 -4.31
CA LEU C 336 25.07 -6.90 -3.33
C LEU C 336 23.76 -6.64 -4.06
N ALA C 337 22.68 -7.28 -3.63
CA ALA C 337 21.41 -7.07 -4.29
C ALA C 337 20.23 -6.99 -3.33
N PHE C 338 19.33 -6.06 -3.61
CA PHE C 338 18.14 -5.87 -2.81
C PHE C 338 16.95 -6.35 -3.65
N GLY C 339 16.10 -7.18 -3.06
CA GLY C 339 14.94 -7.67 -3.78
C GLY C 339 13.64 -7.05 -3.30
N ILE C 340 13.22 -5.97 -3.95
CA ILE C 340 11.97 -5.29 -3.60
C ILE C 340 10.82 -6.17 -4.07
N ASN C 341 9.82 -6.37 -3.23
CA ASN C 341 8.67 -7.21 -3.56
C ASN C 341 9.22 -8.64 -3.73
N ALA C 342 9.60 -9.24 -2.60
CA ALA C 342 10.20 -10.56 -2.63
C ALA C 342 9.37 -11.74 -2.12
N GLU C 343 8.31 -11.46 -1.37
CA GLU C 343 7.49 -12.54 -0.82
C GLU C 343 7.12 -13.59 -1.88
N ASN C 344 7.69 -14.78 -1.75
CA ASN C 344 7.42 -15.88 -2.67
C ASN C 344 7.91 -15.69 -4.09
N ASN C 345 9.13 -15.18 -4.24
CA ASN C 345 9.75 -14.97 -5.55
C ASN C 345 10.42 -16.25 -6.00
N GLN C 346 10.53 -16.47 -7.31
CA GLN C 346 11.17 -17.67 -7.85
C GLN C 346 12.18 -17.28 -8.89
N ARG C 347 13.29 -18.01 -8.97
CA ARG C 347 14.35 -17.73 -9.93
C ARG C 347 14.36 -18.75 -11.05
N ASN C 348 14.06 -18.30 -12.26
CA ASN C 348 14.01 -19.18 -13.41
C ASN C 348 15.19 -19.01 -14.34
N PHE C 349 15.87 -20.13 -14.63
CA PHE C 349 17.02 -20.13 -15.52
C PHE C 349 16.63 -20.65 -16.89
N LEU C 350 17.31 -20.13 -17.91
CA LEU C 350 17.03 -20.52 -19.29
C LEU C 350 18.09 -21.48 -19.84
N ALA C 351 19.21 -21.59 -19.13
CA ALA C 351 20.29 -22.48 -19.55
C ALA C 351 20.84 -23.28 -18.38
N GLY C 352 21.43 -24.43 -18.67
CA GLY C 352 21.99 -25.24 -17.60
C GLY C 352 21.08 -26.41 -17.21
N GLU C 353 21.50 -27.16 -16.20
CA GLU C 353 20.74 -28.31 -15.74
C GLU C 353 19.64 -27.95 -14.76
N LYS C 354 19.99 -27.83 -13.49
CA LYS C 354 19.03 -27.50 -12.42
C LYS C 354 18.32 -26.15 -12.56
N ASP C 355 17.01 -26.18 -12.33
CA ASP C 355 16.14 -25.00 -12.39
C ASP C 355 16.00 -24.34 -13.76
N ASN C 356 16.07 -25.15 -14.82
CA ASN C 356 15.93 -24.63 -16.19
C ASN C 356 14.48 -24.78 -16.63
N VAL C 357 13.80 -23.65 -16.82
CA VAL C 357 12.39 -23.66 -17.21
C VAL C 357 12.12 -24.14 -18.65
N VAL C 358 13.03 -23.83 -19.56
CA VAL C 358 12.90 -24.22 -20.96
C VAL C 358 13.13 -25.71 -21.10
N ARG C 359 13.19 -26.41 -19.97
CA ARG C 359 13.45 -27.83 -19.97
C ARG C 359 12.39 -28.61 -19.22
N GLN C 360 11.30 -27.95 -18.88
CA GLN C 360 10.24 -28.60 -18.14
C GLN C 360 9.01 -28.73 -19.02
N ILE C 361 8.90 -27.81 -19.97
CA ILE C 361 7.78 -27.80 -20.91
C ILE C 361 7.59 -29.20 -21.49
N GLU C 362 6.38 -29.48 -21.94
CA GLU C 362 6.07 -30.77 -22.54
C GLU C 362 6.76 -30.80 -23.90
N ARG C 363 7.41 -31.92 -24.20
CA ARG C 363 8.14 -32.11 -25.45
C ARG C 363 7.39 -31.56 -26.67
N GLN C 364 6.20 -32.12 -26.91
CA GLN C 364 5.36 -31.73 -28.04
C GLN C 364 5.26 -30.21 -28.18
N VAL C 365 5.34 -29.52 -27.04
CA VAL C 365 5.27 -28.07 -27.00
C VAL C 365 6.62 -27.48 -27.34
N GLN C 366 7.68 -28.15 -26.91
CA GLN C 366 9.03 -27.69 -27.21
C GLN C 366 9.09 -27.78 -28.72
N GLU C 367 8.49 -28.85 -29.23
CA GLU C 367 8.42 -29.14 -30.65
C GLU C 367 7.69 -28.02 -31.40
N LEU C 368 6.58 -27.57 -30.82
CA LEU C 368 5.75 -26.53 -31.39
C LEU C 368 6.27 -25.11 -31.11
N ALA C 369 7.09 -24.96 -30.08
CA ALA C 369 7.64 -23.66 -29.68
C ALA C 369 8.72 -23.10 -30.62
N PHE C 370 9.93 -23.63 -30.53
CA PHE C 370 10.99 -23.16 -31.42
C PHE C 370 11.07 -24.07 -32.64
N PRO C 371 11.72 -23.61 -33.72
CA PRO C 371 11.82 -24.44 -34.93
C PRO C 371 12.87 -25.53 -34.78
N GLY C 372 12.44 -26.69 -34.28
CA GLY C 372 13.34 -27.81 -34.09
C GLY C 372 12.54 -29.03 -33.69
N SER C 373 13.17 -30.20 -33.72
CA SER C 373 12.48 -31.43 -33.36
C SER C 373 12.56 -31.64 -31.86
N ALA C 374 11.59 -32.37 -31.32
CA ALA C 374 11.53 -32.66 -29.90
C ALA C 374 12.84 -33.26 -29.41
N GLN C 375 13.48 -34.04 -30.30
CA GLN C 375 14.73 -34.69 -29.97
C GLN C 375 15.89 -33.75 -30.26
N ASP C 376 15.71 -32.90 -31.27
CA ASP C 376 16.74 -31.94 -31.64
C ASP C 376 16.80 -30.85 -30.58
N VAL C 377 15.68 -30.66 -29.89
CA VAL C 377 15.58 -29.68 -28.82
C VAL C 377 15.95 -30.35 -27.50
N GLU C 378 15.80 -31.67 -27.44
CA GLU C 378 16.17 -32.41 -26.24
C GLU C 378 17.68 -32.63 -26.28
N ARG C 379 18.28 -32.28 -27.42
CA ARG C 379 19.72 -32.44 -27.61
C ARG C 379 20.49 -31.16 -27.26
N LEU C 380 20.01 -30.01 -27.73
CA LEU C 380 20.66 -28.73 -27.46
C LEU C 380 20.57 -28.28 -26.00
N LEU C 381 19.66 -28.85 -25.24
CA LEU C 381 19.51 -28.46 -23.84
C LEU C 381 20.31 -29.31 -22.86
N LYS C 382 20.58 -30.56 -23.21
CA LYS C 382 21.32 -31.47 -22.34
C LYS C 382 22.83 -31.38 -22.50
N LYS C 383 23.29 -30.51 -23.39
CA LYS C 383 24.73 -30.33 -23.64
C LYS C 383 25.42 -29.77 -22.40
N GLN C 384 25.12 -28.51 -22.09
CA GLN C 384 25.68 -27.84 -20.91
C GLN C 384 25.40 -28.72 -19.68
N ARG C 385 26.46 -29.23 -19.08
CA ARG C 385 26.33 -30.11 -17.93
C ARG C 385 26.34 -29.45 -16.55
N GLU C 386 26.57 -28.15 -16.49
CA GLU C 386 26.57 -27.48 -15.20
C GLU C 386 25.31 -26.65 -15.00
N SER C 387 25.15 -26.10 -13.80
CA SER C 387 23.99 -25.28 -13.48
C SER C 387 24.37 -23.98 -12.77
N TYR C 388 23.49 -22.98 -12.90
CA TYR C 388 23.68 -21.67 -12.29
C TYR C 388 24.87 -20.88 -12.79
N PHE C 389 26.06 -21.25 -12.35
CA PHE C 389 27.28 -20.56 -12.79
C PHE C 389 28.10 -21.44 -13.71
N VAL C 390 28.56 -20.88 -14.83
CA VAL C 390 29.38 -21.62 -15.78
C VAL C 390 30.64 -20.80 -16.09
N ASP C 391 31.54 -21.37 -16.89
CA ASP C 391 32.81 -20.72 -17.23
C ASP C 391 32.93 -20.26 -18.67
N ALA C 392 33.29 -18.98 -18.86
CA ALA C 392 33.46 -18.42 -20.19
C ALA C 392 34.87 -18.67 -20.70
#